data_4URD
# 
_entry.id   4URD 
# 
_audit_conform.dict_name       mmcif_pdbx.dic 
_audit_conform.dict_version    5.391 
_audit_conform.dict_location   http://mmcif.pdb.org/dictionaries/ascii/mmcif_pdbx.dic 
# 
loop_
_database_2.database_id 
_database_2.database_code 
_database_2.pdbx_database_accession 
_database_2.pdbx_DOI 
PDB   4URD         pdb_00004urd 10.2210/pdb4urd/pdb 
PDBE  EBI-61108    ?            ?                   
WWPDB D_1290061108 ?            ?                   
# 
loop_
_pdbx_audit_revision_history.ordinal 
_pdbx_audit_revision_history.data_content_type 
_pdbx_audit_revision_history.major_revision 
_pdbx_audit_revision_history.minor_revision 
_pdbx_audit_revision_history.revision_date 
1 'Structure model' 1 0 2016-01-13 
2 'Structure model' 1 1 2016-06-22 
3 'Structure model' 1 2 2016-06-29 
4 'Structure model' 1 3 2016-10-05 
5 'Structure model' 1 4 2018-10-03 
6 'Structure model' 1 5 2024-05-08 
# 
_pdbx_audit_revision_details.ordinal             1 
_pdbx_audit_revision_details.revision_ordinal    1 
_pdbx_audit_revision_details.data_content_type   'Structure model' 
_pdbx_audit_revision_details.provider            repository 
_pdbx_audit_revision_details.type                'Initial release' 
_pdbx_audit_revision_details.description         ? 
_pdbx_audit_revision_details.details             ? 
# 
loop_
_pdbx_audit_revision_group.ordinal 
_pdbx_audit_revision_group.revision_ordinal 
_pdbx_audit_revision_group.data_content_type 
_pdbx_audit_revision_group.group 
1 2 'Structure model' 'Database references' 
2 3 'Structure model' 'Database references' 
3 4 'Structure model' 'Database references' 
4 5 'Structure model' 'Data collection'     
5 6 'Structure model' 'Data collection'     
6 6 'Structure model' 'Database references' 
# 
loop_
_pdbx_audit_revision_category.ordinal 
_pdbx_audit_revision_category.revision_ordinal 
_pdbx_audit_revision_category.data_content_type 
_pdbx_audit_revision_category.category 
1 5 'Structure model' em_software    
2 6 'Structure model' chem_comp_atom 
3 6 'Structure model' chem_comp_bond 
4 6 'Structure model' database_2     
# 
loop_
_pdbx_audit_revision_item.ordinal 
_pdbx_audit_revision_item.revision_ordinal 
_pdbx_audit_revision_item.data_content_type 
_pdbx_audit_revision_item.item 
1 5 'Structure model' '_em_software.image_processing_id'    
2 6 'Structure model' '_database_2.pdbx_DOI'                
3 6 'Structure model' '_database_2.pdbx_database_accession' 
# 
_pdbx_database_status.status_code                     REL 
_pdbx_database_status.entry_id                        4URD 
_pdbx_database_status.deposit_site                    PDBE 
_pdbx_database_status.process_site                    PDBE 
_pdbx_database_status.SG_entry                        . 
_pdbx_database_status.recvd_initial_deposition_date   2014-06-27 
_pdbx_database_status.pdb_format_compatible           Y 
_pdbx_database_status.status_code_sf                  ? 
_pdbx_database_status.status_code_mr                  ? 
_pdbx_database_status.status_code_cs                  ? 
_pdbx_database_status.methods_development_category    ? 
_pdbx_database_status.status_code_nmr_data            ? 
# 
_pdbx_database_related.db_name        EMDB 
_pdbx_database_related.db_id          EMD-2695 
_pdbx_database_related.content_type   'associated EM volume' 
_pdbx_database_related.details        . 
# 
loop_
_audit_author.name 
_audit_author.pdbx_ordinal 
'Deeng, J.'         1  
'Chan, K.Y.'        2  
'van der Sluis, E.' 3  
'Bischoff, L.'      4  
'Berninghausen, O.' 5  
'Han, W.'           6  
'Gumbart, J.'       7  
'Schulten, K.'      8  
'Beatrix, B.'       9  
'Beckmann, R.'      10 
# 
_citation.id                        primary 
_citation.title                     'Dynamic Behavior of Trigger Factor on the Ribosome.' 
_citation.journal_abbrev            J.Mol.Biol. 
_citation.journal_volume            428 
_citation.page_first                3588 
_citation.page_last                 ? 
_citation.year                      2016 
_citation.journal_id_ASTM           JMOBAK 
_citation.country                   UK 
_citation.journal_id_ISSN           0022-2836 
_citation.journal_id_CSD            0070 
_citation.book_publisher            ? 
_citation.pdbx_database_id_PubMed   27320387 
_citation.pdbx_database_id_DOI      10.1016/J.JMB.2016.06.007 
# 
loop_
_citation_author.citation_id 
_citation_author.name 
_citation_author.ordinal 
_citation_author.identifier_ORCID 
primary 'Deeng, J.'           1 ? 
primary 'Chan, K.Y.'          2 ? 
primary 'Van Der Sluis, E.O.' 3 ? 
primary 'Berninghausen, O.'   4 ? 
primary 'Han, W.'             5 ? 
primary 'Gumbart, J.'         6 ? 
primary 'Schulten, K.'        7 ? 
primary 'Beatrix, B.'         8 ? 
primary 'Beckmann, R.'        9 ? 
# 
_entity.id                         1 
_entity.type                       polymer 
_entity.src_method                 man 
_entity.pdbx_description           'TRIGGER FACTOR' 
_entity.formula_weight             12711.546 
_entity.pdbx_number_of_molecules   1 
_entity.pdbx_ec                    ? 
_entity.pdbx_mutation              ? 
_entity.pdbx_fragment              'RIBOSOME BINDING DOMAIN, RESIDUES 1-115' 
_entity.details                    ? 
# 
_entity_poly.entity_id                      1 
_entity_poly.type                           'polypeptide(L)' 
_entity_poly.nstd_linkage                   no 
_entity_poly.nstd_monomer                   no 
_entity_poly.pdbx_seq_one_letter_code       
;MQVSVETTQGLGRRVTITIAADSIETAVKSELVNVAKKVRIDGFRKGKVPMNIVAQRYGASVRQDVLGDLMSRNFIDAII
KEKINPAGAPTYVPGEYKLGEDFTYSVEFEVYPEV
;
_entity_poly.pdbx_seq_one_letter_code_can   
;MQVSVETTQGLGRRVTITIAADSIETAVKSELVNVAKKVRIDGFRKGKVPMNIVAQRYGASVRQDVLGDLMSRNFIDAII
KEKINPAGAPTYVPGEYKLGEDFTYSVEFEVYPEV
;
_entity_poly.pdbx_strand_id                 A 
_entity_poly.pdbx_target_identifier         ? 
# 
loop_
_entity_poly_seq.entity_id 
_entity_poly_seq.num 
_entity_poly_seq.mon_id 
_entity_poly_seq.hetero 
1 1   MET n 
1 2   GLN n 
1 3   VAL n 
1 4   SER n 
1 5   VAL n 
1 6   GLU n 
1 7   THR n 
1 8   THR n 
1 9   GLN n 
1 10  GLY n 
1 11  LEU n 
1 12  GLY n 
1 13  ARG n 
1 14  ARG n 
1 15  VAL n 
1 16  THR n 
1 17  ILE n 
1 18  THR n 
1 19  ILE n 
1 20  ALA n 
1 21  ALA n 
1 22  ASP n 
1 23  SER n 
1 24  ILE n 
1 25  GLU n 
1 26  THR n 
1 27  ALA n 
1 28  VAL n 
1 29  LYS n 
1 30  SER n 
1 31  GLU n 
1 32  LEU n 
1 33  VAL n 
1 34  ASN n 
1 35  VAL n 
1 36  ALA n 
1 37  LYS n 
1 38  LYS n 
1 39  VAL n 
1 40  ARG n 
1 41  ILE n 
1 42  ASP n 
1 43  GLY n 
1 44  PHE n 
1 45  ARG n 
1 46  LYS n 
1 47  GLY n 
1 48  LYS n 
1 49  VAL n 
1 50  PRO n 
1 51  MET n 
1 52  ASN n 
1 53  ILE n 
1 54  VAL n 
1 55  ALA n 
1 56  GLN n 
1 57  ARG n 
1 58  TYR n 
1 59  GLY n 
1 60  ALA n 
1 61  SER n 
1 62  VAL n 
1 63  ARG n 
1 64  GLN n 
1 65  ASP n 
1 66  VAL n 
1 67  LEU n 
1 68  GLY n 
1 69  ASP n 
1 70  LEU n 
1 71  MET n 
1 72  SER n 
1 73  ARG n 
1 74  ASN n 
1 75  PHE n 
1 76  ILE n 
1 77  ASP n 
1 78  ALA n 
1 79  ILE n 
1 80  ILE n 
1 81  LYS n 
1 82  GLU n 
1 83  LYS n 
1 84  ILE n 
1 85  ASN n 
1 86  PRO n 
1 87  ALA n 
1 88  GLY n 
1 89  ALA n 
1 90  PRO n 
1 91  THR n 
1 92  TYR n 
1 93  VAL n 
1 94  PRO n 
1 95  GLY n 
1 96  GLU n 
1 97  TYR n 
1 98  LYS n 
1 99  LEU n 
1 100 GLY n 
1 101 GLU n 
1 102 ASP n 
1 103 PHE n 
1 104 THR n 
1 105 TYR n 
1 106 SER n 
1 107 VAL n 
1 108 GLU n 
1 109 PHE n 
1 110 GLU n 
1 111 VAL n 
1 112 TYR n 
1 113 PRO n 
1 114 GLU n 
1 115 VAL n 
# 
_entity_src_gen.entity_id                          1 
_entity_src_gen.pdbx_src_id                        1 
_entity_src_gen.pdbx_alt_source_flag               sample 
_entity_src_gen.pdbx_seq_type                      ? 
_entity_src_gen.pdbx_beg_seq_num                   ? 
_entity_src_gen.pdbx_end_seq_num                   ? 
_entity_src_gen.gene_src_common_name               ? 
_entity_src_gen.gene_src_genus                     ? 
_entity_src_gen.pdbx_gene_src_gene                 ? 
_entity_src_gen.gene_src_species                   ? 
_entity_src_gen.gene_src_strain                    ? 
_entity_src_gen.gene_src_tissue                    ? 
_entity_src_gen.gene_src_tissue_fraction           ? 
_entity_src_gen.gene_src_details                   ? 
_entity_src_gen.pdbx_gene_src_fragment             ? 
_entity_src_gen.pdbx_gene_src_scientific_name      'ESCHERICHIA COLI' 
_entity_src_gen.pdbx_gene_src_ncbi_taxonomy_id     562 
_entity_src_gen.pdbx_gene_src_variant              ? 
_entity_src_gen.pdbx_gene_src_cell_line            ? 
_entity_src_gen.pdbx_gene_src_atcc                 ? 
_entity_src_gen.pdbx_gene_src_organ                ? 
_entity_src_gen.pdbx_gene_src_organelle            ? 
_entity_src_gen.pdbx_gene_src_cell                 ? 
_entity_src_gen.pdbx_gene_src_cellular_location    ? 
_entity_src_gen.host_org_common_name               ? 
_entity_src_gen.pdbx_host_org_scientific_name      'ESCHERICHIA COLI' 
_entity_src_gen.pdbx_host_org_ncbi_taxonomy_id     562 
_entity_src_gen.host_org_genus                     ? 
_entity_src_gen.pdbx_host_org_gene                 ? 
_entity_src_gen.pdbx_host_org_organ                ? 
_entity_src_gen.host_org_species                   ? 
_entity_src_gen.pdbx_host_org_tissue               ? 
_entity_src_gen.pdbx_host_org_tissue_fraction      ? 
_entity_src_gen.pdbx_host_org_strain               ? 
_entity_src_gen.pdbx_host_org_variant              ? 
_entity_src_gen.pdbx_host_org_cell_line            ? 
_entity_src_gen.pdbx_host_org_atcc                 ? 
_entity_src_gen.pdbx_host_org_culture_collection   ? 
_entity_src_gen.pdbx_host_org_cell                 ? 
_entity_src_gen.pdbx_host_org_organelle            ? 
_entity_src_gen.pdbx_host_org_cellular_location    ? 
_entity_src_gen.pdbx_host_org_vector_type          ? 
_entity_src_gen.pdbx_host_org_vector               ? 
_entity_src_gen.host_org_details                   ? 
_entity_src_gen.expression_system_id               ? 
_entity_src_gen.plasmid_name                       ? 
_entity_src_gen.plasmid_details                    ? 
_entity_src_gen.pdbx_description                   ? 
# 
loop_
_chem_comp.id 
_chem_comp.type 
_chem_comp.mon_nstd_flag 
_chem_comp.name 
_chem_comp.pdbx_synonyms 
_chem_comp.formula 
_chem_comp.formula_weight 
ALA 'L-peptide linking' y ALANINE         ? 'C3 H7 N O2'     89.093  
ARG 'L-peptide linking' y ARGININE        ? 'C6 H15 N4 O2 1' 175.209 
ASN 'L-peptide linking' y ASPARAGINE      ? 'C4 H8 N2 O3'    132.118 
ASP 'L-peptide linking' y 'ASPARTIC ACID' ? 'C4 H7 N O4'     133.103 
GLN 'L-peptide linking' y GLUTAMINE       ? 'C5 H10 N2 O3'   146.144 
GLU 'L-peptide linking' y 'GLUTAMIC ACID' ? 'C5 H9 N O4'     147.129 
GLY 'peptide linking'   y GLYCINE         ? 'C2 H5 N O2'     75.067  
ILE 'L-peptide linking' y ISOLEUCINE      ? 'C6 H13 N O2'    131.173 
LEU 'L-peptide linking' y LEUCINE         ? 'C6 H13 N O2'    131.173 
LYS 'L-peptide linking' y LYSINE          ? 'C6 H15 N2 O2 1' 147.195 
MET 'L-peptide linking' y METHIONINE      ? 'C5 H11 N O2 S'  149.211 
PHE 'L-peptide linking' y PHENYLALANINE   ? 'C9 H11 N O2'    165.189 
PRO 'L-peptide linking' y PROLINE         ? 'C5 H9 N O2'     115.130 
SER 'L-peptide linking' y SERINE          ? 'C3 H7 N O3'     105.093 
THR 'L-peptide linking' y THREONINE       ? 'C4 H9 N O3'     119.119 
TYR 'L-peptide linking' y TYROSINE        ? 'C9 H11 N O3'    181.189 
VAL 'L-peptide linking' y VALINE          ? 'C5 H11 N O2'    117.146 
# 
loop_
_pdbx_poly_seq_scheme.asym_id 
_pdbx_poly_seq_scheme.entity_id 
_pdbx_poly_seq_scheme.seq_id 
_pdbx_poly_seq_scheme.mon_id 
_pdbx_poly_seq_scheme.ndb_seq_num 
_pdbx_poly_seq_scheme.pdb_seq_num 
_pdbx_poly_seq_scheme.auth_seq_num 
_pdbx_poly_seq_scheme.pdb_mon_id 
_pdbx_poly_seq_scheme.auth_mon_id 
_pdbx_poly_seq_scheme.pdb_strand_id 
_pdbx_poly_seq_scheme.pdb_ins_code 
_pdbx_poly_seq_scheme.hetero 
A 1 1   MET 1   1   1   MET MET A . n 
A 1 2   GLN 2   2   2   GLN GLN A . n 
A 1 3   VAL 3   3   3   VAL VAL A . n 
A 1 4   SER 4   4   4   SER SER A . n 
A 1 5   VAL 5   5   5   VAL VAL A . n 
A 1 6   GLU 6   6   6   GLU GLU A . n 
A 1 7   THR 7   7   7   THR THR A . n 
A 1 8   THR 8   8   8   THR THR A . n 
A 1 9   GLN 9   9   9   GLN GLN A . n 
A 1 10  GLY 10  10  10  GLY GLY A . n 
A 1 11  LEU 11  11  11  LEU LEU A . n 
A 1 12  GLY 12  12  12  GLY GLY A . n 
A 1 13  ARG 13  13  13  ARG ARG A . n 
A 1 14  ARG 14  14  14  ARG ARG A . n 
A 1 15  VAL 15  15  15  VAL VAL A . n 
A 1 16  THR 16  16  16  THR THR A . n 
A 1 17  ILE 17  17  17  ILE ILE A . n 
A 1 18  THR 18  18  18  THR THR A . n 
A 1 19  ILE 19  19  19  ILE ILE A . n 
A 1 20  ALA 20  20  20  ALA ALA A . n 
A 1 21  ALA 21  21  21  ALA ALA A . n 
A 1 22  ASP 22  22  22  ASP ASP A . n 
A 1 23  SER 23  23  23  SER SER A . n 
A 1 24  ILE 24  24  24  ILE ILE A . n 
A 1 25  GLU 25  25  25  GLU GLU A . n 
A 1 26  THR 26  26  26  THR THR A . n 
A 1 27  ALA 27  27  27  ALA ALA A . n 
A 1 28  VAL 28  28  28  VAL VAL A . n 
A 1 29  LYS 29  29  29  LYS LYS A . n 
A 1 30  SER 30  30  30  SER SER A . n 
A 1 31  GLU 31  31  31  GLU GLU A . n 
A 1 32  LEU 32  32  32  LEU LEU A . n 
A 1 33  VAL 33  33  33  VAL VAL A . n 
A 1 34  ASN 34  34  34  ASN ASN A . n 
A 1 35  VAL 35  35  35  VAL VAL A . n 
A 1 36  ALA 36  36  36  ALA ALA A . n 
A 1 37  LYS 37  37  37  LYS LYS A . n 
A 1 38  LYS 38  38  38  LYS LYS A . n 
A 1 39  VAL 39  39  39  VAL VAL A . n 
A 1 40  ARG 40  40  40  ARG ARG A . n 
A 1 41  ILE 41  41  41  ILE ILE A . n 
A 1 42  ASP 42  42  42  ASP ASP A . n 
A 1 43  GLY 43  43  43  GLY GLY A . n 
A 1 44  PHE 44  44  44  PHE PHE A . n 
A 1 45  ARG 45  45  45  ARG ARG A . n 
A 1 46  LYS 46  46  46  LYS LYS A . n 
A 1 47  GLY 47  47  47  GLY GLY A . n 
A 1 48  LYS 48  48  48  LYS LYS A . n 
A 1 49  VAL 49  49  49  VAL VAL A . n 
A 1 50  PRO 50  50  50  PRO PRO A . n 
A 1 51  MET 51  51  51  MET MET A . n 
A 1 52  ASN 52  52  52  ASN ASN A . n 
A 1 53  ILE 53  53  53  ILE ILE A . n 
A 1 54  VAL 54  54  54  VAL VAL A . n 
A 1 55  ALA 55  55  55  ALA ALA A . n 
A 1 56  GLN 56  56  56  GLN GLN A . n 
A 1 57  ARG 57  57  57  ARG ARG A . n 
A 1 58  TYR 58  58  58  TYR TYR A . n 
A 1 59  GLY 59  59  59  GLY GLY A . n 
A 1 60  ALA 60  60  60  ALA ALA A . n 
A 1 61  SER 61  61  61  SER SER A . n 
A 1 62  VAL 62  62  62  VAL VAL A . n 
A 1 63  ARG 63  63  63  ARG ARG A . n 
A 1 64  GLN 64  64  64  GLN GLN A . n 
A 1 65  ASP 65  65  65  ASP ASP A . n 
A 1 66  VAL 66  66  66  VAL VAL A . n 
A 1 67  LEU 67  67  67  LEU LEU A . n 
A 1 68  GLY 68  68  68  GLY GLY A . n 
A 1 69  ASP 69  69  69  ASP ASP A . n 
A 1 70  LEU 70  70  70  LEU LEU A . n 
A 1 71  MET 71  71  71  MET MET A . n 
A 1 72  SER 72  72  72  SER SER A . n 
A 1 73  ARG 73  73  73  ARG ARG A . n 
A 1 74  ASN 74  74  74  ASN ASN A . n 
A 1 75  PHE 75  75  75  PHE PHE A . n 
A 1 76  ILE 76  76  76  ILE ILE A . n 
A 1 77  ASP 77  77  77  ASP ASP A . n 
A 1 78  ALA 78  78  78  ALA ALA A . n 
A 1 79  ILE 79  79  79  ILE ILE A . n 
A 1 80  ILE 80  80  80  ILE ILE A . n 
A 1 81  LYS 81  81  81  LYS LYS A . n 
A 1 82  GLU 82  82  82  GLU GLU A . n 
A 1 83  LYS 83  83  83  LYS LYS A . n 
A 1 84  ILE 84  84  84  ILE ILE A . n 
A 1 85  ASN 85  85  85  ASN ASN A . n 
A 1 86  PRO 86  86  86  PRO PRO A . n 
A 1 87  ALA 87  87  87  ALA ALA A . n 
A 1 88  GLY 88  88  88  GLY GLY A . n 
A 1 89  ALA 89  89  89  ALA ALA A . n 
A 1 90  PRO 90  90  90  PRO PRO A . n 
A 1 91  THR 91  91  91  THR THR A . n 
A 1 92  TYR 92  92  92  TYR TYR A . n 
A 1 93  VAL 93  93  93  VAL VAL A . n 
A 1 94  PRO 94  94  94  PRO PRO A . n 
A 1 95  GLY 95  95  95  GLY GLY A . n 
A 1 96  GLU 96  96  96  GLU GLU A . n 
A 1 97  TYR 97  97  97  TYR TYR A . n 
A 1 98  LYS 98  98  98  LYS LYS A . n 
A 1 99  LEU 99  99  99  LEU LEU A . n 
A 1 100 GLY 100 100 100 GLY GLY A . n 
A 1 101 GLU 101 101 101 GLU GLU A . n 
A 1 102 ASP 102 102 102 ASP ASP A . n 
A 1 103 PHE 103 103 103 PHE PHE A . n 
A 1 104 THR 104 104 104 THR THR A . n 
A 1 105 TYR 105 105 105 TYR TYR A . n 
A 1 106 SER 106 106 106 SER SER A . n 
A 1 107 VAL 107 107 107 VAL VAL A . n 
A 1 108 GLU 108 108 108 GLU GLU A . n 
A 1 109 PHE 109 109 109 PHE PHE A . n 
A 1 110 GLU 110 110 110 GLU GLU A . n 
A 1 111 VAL 111 111 111 VAL VAL A . n 
A 1 112 TYR 112 112 112 TYR TYR A . n 
A 1 113 PRO 113 113 113 PRO PRO A . n 
A 1 114 GLU 114 114 114 GLU GLU A . n 
A 1 115 VAL 115 115 115 VAL VAL A . n 
# 
_cell.entry_id           4URD 
_cell.length_a           1.000 
_cell.length_b           1.000 
_cell.length_c           1.000 
_cell.angle_alpha        90.00 
_cell.angle_beta         90.00 
_cell.angle_gamma        90.00 
_cell.Z_PDB              1 
_cell.pdbx_unique_axis   ? 
# 
_symmetry.entry_id                         4URD 
_symmetry.space_group_name_H-M             'P 1' 
_symmetry.pdbx_full_space_group_name_H-M   ? 
_symmetry.cell_setting                     ? 
_symmetry.Int_Tables_number                1 
# 
_exptl.entry_id          4URD 
_exptl.method            'ELECTRON MICROSCOPY' 
_exptl.crystals_number   ? 
# 
_refine.pdbx_refine_id                           'ELECTRON MICROSCOPY' 
_refine.entry_id                                 4URD 
_refine.pdbx_diffrn_id                           1 
_refine.pdbx_TLS_residual_ADP_flag               ? 
_refine.ls_number_reflns_obs                     ? 
_refine.ls_number_reflns_all                     ? 
_refine.pdbx_ls_sigma_I                          ? 
_refine.pdbx_ls_sigma_F                          ? 
_refine.pdbx_data_cutoff_high_absF               ? 
_refine.pdbx_data_cutoff_low_absF                ? 
_refine.pdbx_data_cutoff_high_rms_absF           ? 
_refine.ls_d_res_low                             ? 
_refine.ls_d_res_high                            7.70 
_refine.ls_percent_reflns_obs                    ? 
_refine.ls_R_factor_obs                          ? 
_refine.ls_R_factor_all                          ? 
_refine.ls_R_factor_R_work                       ? 
_refine.ls_R_factor_R_free                       ? 
_refine.ls_R_factor_R_free_error                 ? 
_refine.ls_R_factor_R_free_error_details         ? 
_refine.ls_percent_reflns_R_free                 ? 
_refine.ls_number_reflns_R_free                  ? 
_refine.ls_number_parameters                     ? 
_refine.ls_number_restraints                     ? 
_refine.occupancy_min                            ? 
_refine.occupancy_max                            ? 
_refine.correlation_coeff_Fo_to_Fc               ? 
_refine.correlation_coeff_Fo_to_Fc_free          ? 
_refine.B_iso_mean                               ? 
_refine.aniso_B[1][1]                            ? 
_refine.aniso_B[2][2]                            ? 
_refine.aniso_B[3][3]                            ? 
_refine.aniso_B[1][2]                            ? 
_refine.aniso_B[1][3]                            ? 
_refine.aniso_B[2][3]                            ? 
_refine.solvent_model_details                    ? 
_refine.solvent_model_param_ksol                 ? 
_refine.solvent_model_param_bsol                 ? 
_refine.pdbx_solvent_vdw_probe_radii             ? 
_refine.pdbx_solvent_ion_probe_radii             ? 
_refine.pdbx_solvent_shrinkage_radii             ? 
_refine.pdbx_ls_cross_valid_method               ? 
_refine.details                                  ? 
_refine.pdbx_starting_model                      ? 
_refine.pdbx_method_to_determine_struct          ? 
_refine.pdbx_isotropic_thermal_model             ? 
_refine.pdbx_stereochemistry_target_values       ? 
_refine.pdbx_stereochem_target_val_spec_case     ? 
_refine.pdbx_R_Free_selection_details            ? 
_refine.pdbx_overall_ESU_R                       ? 
_refine.pdbx_overall_ESU_R_Free                  ? 
_refine.overall_SU_ML                            ? 
_refine.pdbx_overall_phase_error                 ? 
_refine.overall_SU_B                             ? 
_refine.overall_SU_R_Cruickshank_DPI             ? 
_refine.pdbx_overall_SU_R_free_Cruickshank_DPI   ? 
_refine.pdbx_overall_SU_R_Blow_DPI               ? 
_refine.pdbx_overall_SU_R_free_Blow_DPI          ? 
# 
_refine_hist.pdbx_refine_id                   'ELECTRON MICROSCOPY' 
_refine_hist.cycle_id                         LAST 
_refine_hist.pdbx_number_atoms_protein        893 
_refine_hist.pdbx_number_atoms_nucleic_acid   0 
_refine_hist.pdbx_number_atoms_ligand         0 
_refine_hist.number_atoms_solvent             0 
_refine_hist.number_atoms_total               893 
_refine_hist.d_res_high                       7.70 
_refine_hist.d_res_low                        . 
# 
_struct.entry_id                  4URD 
_struct.title                     'Cryo-EM map of Trigger Factor bound to a translating ribosome' 
_struct.pdbx_model_details        ? 
_struct.pdbx_CASP_flag            ? 
_struct.pdbx_model_type_details   ? 
# 
_struct_keywords.entry_id        4URD 
_struct_keywords.pdbx_keywords   ISOMERASE 
_struct_keywords.text            'ISOMERASE, TRANSLATION, CO-TRANSLATIONAL PROTEIN FOLDING' 
# 
_struct_asym.id                            A 
_struct_asym.pdbx_blank_PDB_chainid_flag   N 
_struct_asym.pdbx_modified                 N 
_struct_asym.entity_id                     1 
_struct_asym.details                       ? 
# 
_struct_ref.id                         1 
_struct_ref.db_name                    UNP 
_struct_ref.db_code                    I4UK46_ECOLX 
_struct_ref.entity_id                  1 
_struct_ref.pdbx_seq_one_letter_code   ? 
_struct_ref.pdbx_align_begin           ? 
_struct_ref.pdbx_db_accession          I4UK46 
_struct_ref.pdbx_db_isoform            ? 
# 
_struct_ref_seq.align_id                      1 
_struct_ref_seq.ref_id                        1 
_struct_ref_seq.pdbx_PDB_id_code              4URD 
_struct_ref_seq.pdbx_strand_id                A 
_struct_ref_seq.seq_align_beg                 1 
_struct_ref_seq.pdbx_seq_align_beg_ins_code   ? 
_struct_ref_seq.seq_align_end                 115 
_struct_ref_seq.pdbx_seq_align_end_ins_code   ? 
_struct_ref_seq.pdbx_db_accession             I4UK46 
_struct_ref_seq.db_align_beg                  1 
_struct_ref_seq.pdbx_db_align_beg_ins_code    ? 
_struct_ref_seq.db_align_end                  115 
_struct_ref_seq.pdbx_db_align_end_ins_code    ? 
_struct_ref_seq.pdbx_auth_seq_align_beg       1 
_struct_ref_seq.pdbx_auth_seq_align_end       115 
# 
_pdbx_struct_assembly.id                   1 
_pdbx_struct_assembly.details              software_defined_assembly 
_pdbx_struct_assembly.method_details       PISA 
_pdbx_struct_assembly.oligomeric_details   monomeric 
_pdbx_struct_assembly.oligomeric_count     1 
# 
_pdbx_struct_assembly_gen.assembly_id       1 
_pdbx_struct_assembly_gen.oper_expression   1 
_pdbx_struct_assembly_gen.asym_id_list      A 
# 
_pdbx_struct_oper_list.id                   1 
_pdbx_struct_oper_list.type                 'identity operation' 
_pdbx_struct_oper_list.name                 1_555 
_pdbx_struct_oper_list.symmetry_operation   x,y,z 
_pdbx_struct_oper_list.matrix[1][1]         1.0000000000 
_pdbx_struct_oper_list.matrix[1][2]         0.0000000000 
_pdbx_struct_oper_list.matrix[1][3]         0.0000000000 
_pdbx_struct_oper_list.vector[1]            0.0000000000 
_pdbx_struct_oper_list.matrix[2][1]         0.0000000000 
_pdbx_struct_oper_list.matrix[2][2]         1.0000000000 
_pdbx_struct_oper_list.matrix[2][3]         0.0000000000 
_pdbx_struct_oper_list.vector[2]            0.0000000000 
_pdbx_struct_oper_list.matrix[3][1]         0.0000000000 
_pdbx_struct_oper_list.matrix[3][2]         0.0000000000 
_pdbx_struct_oper_list.matrix[3][3]         1.0000000000 
_pdbx_struct_oper_list.vector[3]            0.0000000000 
# 
_struct_biol.id   1 
# 
loop_
_struct_conf.conf_type_id 
_struct_conf.id 
_struct_conf.pdbx_PDB_helix_id 
_struct_conf.beg_label_comp_id 
_struct_conf.beg_label_asym_id 
_struct_conf.beg_label_seq_id 
_struct_conf.pdbx_beg_PDB_ins_code 
_struct_conf.end_label_comp_id 
_struct_conf.end_label_asym_id 
_struct_conf.end_label_seq_id 
_struct_conf.pdbx_end_PDB_ins_code 
_struct_conf.beg_auth_comp_id 
_struct_conf.beg_auth_asym_id 
_struct_conf.beg_auth_seq_id 
_struct_conf.end_auth_comp_id 
_struct_conf.end_auth_asym_id 
_struct_conf.end_auth_seq_id 
_struct_conf.pdbx_PDB_helix_class 
_struct_conf.details 
_struct_conf.pdbx_PDB_helix_length 
HELX_P HELX_P1 1 ALA A 21 ? LYS A 29 ? ALA A 21 LYS A 29 1 ? 9  
HELX_P HELX_P2 2 LYS A 29 ? LYS A 38 ? LYS A 29 LYS A 38 1 ? 10 
HELX_P HELX_P3 3 GLN A 56 ? GLU A 82 ? GLN A 56 GLU A 82 1 ? 27 
# 
_struct_conf_type.id          HELX_P 
_struct_conf_type.criteria    ? 
_struct_conf_type.reference   ? 
# 
loop_
_struct_sheet.id 
_struct_sheet.type 
_struct_sheet.number_strands 
_struct_sheet.details 
AA ? 2 ? 
AB ? 2 ? 
# 
loop_
_struct_sheet_order.sheet_id 
_struct_sheet_order.range_id_1 
_struct_sheet_order.range_id_2 
_struct_sheet_order.offset 
_struct_sheet_order.sense 
AA 1 2 ? anti-parallel 
AB 1 2 ? anti-parallel 
# 
loop_
_struct_sheet_range.sheet_id 
_struct_sheet_range.id 
_struct_sheet_range.beg_label_comp_id 
_struct_sheet_range.beg_label_asym_id 
_struct_sheet_range.beg_label_seq_id 
_struct_sheet_range.pdbx_beg_PDB_ins_code 
_struct_sheet_range.end_label_comp_id 
_struct_sheet_range.end_label_asym_id 
_struct_sheet_range.end_label_seq_id 
_struct_sheet_range.pdbx_end_PDB_ins_code 
_struct_sheet_range.beg_auth_comp_id 
_struct_sheet_range.beg_auth_asym_id 
_struct_sheet_range.beg_auth_seq_id 
_struct_sheet_range.end_auth_comp_id 
_struct_sheet_range.end_auth_asym_id 
_struct_sheet_range.end_auth_seq_id 
AA 1 GLN A 2   ? THR A 7   ? GLN A 2   THR A 7   
AA 2 ARG A 13  ? THR A 18  ? ARG A 13  THR A 18  
AB 1 THR A 91  ? PRO A 94  ? THR A 91  PRO A 94  
AB 2 TYR A 105 ? GLU A 108 ? TYR A 105 GLU A 108 
# 
loop_
_pdbx_struct_sheet_hbond.sheet_id 
_pdbx_struct_sheet_hbond.range_id_1 
_pdbx_struct_sheet_hbond.range_id_2 
_pdbx_struct_sheet_hbond.range_1_label_atom_id 
_pdbx_struct_sheet_hbond.range_1_label_comp_id 
_pdbx_struct_sheet_hbond.range_1_label_asym_id 
_pdbx_struct_sheet_hbond.range_1_label_seq_id 
_pdbx_struct_sheet_hbond.range_1_PDB_ins_code 
_pdbx_struct_sheet_hbond.range_1_auth_atom_id 
_pdbx_struct_sheet_hbond.range_1_auth_comp_id 
_pdbx_struct_sheet_hbond.range_1_auth_asym_id 
_pdbx_struct_sheet_hbond.range_1_auth_seq_id 
_pdbx_struct_sheet_hbond.range_2_label_atom_id 
_pdbx_struct_sheet_hbond.range_2_label_comp_id 
_pdbx_struct_sheet_hbond.range_2_label_asym_id 
_pdbx_struct_sheet_hbond.range_2_label_seq_id 
_pdbx_struct_sheet_hbond.range_2_PDB_ins_code 
_pdbx_struct_sheet_hbond.range_2_auth_atom_id 
_pdbx_struct_sheet_hbond.range_2_auth_comp_id 
_pdbx_struct_sheet_hbond.range_2_auth_asym_id 
_pdbx_struct_sheet_hbond.range_2_auth_seq_id 
AA 1 2 N GLU A 6  ? N GLU A 6  O ARG A 14  ? O ARG A 14  
AB 1 2 N VAL A 93 ? N VAL A 93 O SER A 106 ? O SER A 106 
# 
loop_
_pdbx_validate_rmsd_angle.id 
_pdbx_validate_rmsd_angle.PDB_model_num 
_pdbx_validate_rmsd_angle.auth_atom_id_1 
_pdbx_validate_rmsd_angle.auth_asym_id_1 
_pdbx_validate_rmsd_angle.auth_comp_id_1 
_pdbx_validate_rmsd_angle.auth_seq_id_1 
_pdbx_validate_rmsd_angle.PDB_ins_code_1 
_pdbx_validate_rmsd_angle.label_alt_id_1 
_pdbx_validate_rmsd_angle.auth_atom_id_2 
_pdbx_validate_rmsd_angle.auth_asym_id_2 
_pdbx_validate_rmsd_angle.auth_comp_id_2 
_pdbx_validate_rmsd_angle.auth_seq_id_2 
_pdbx_validate_rmsd_angle.PDB_ins_code_2 
_pdbx_validate_rmsd_angle.label_alt_id_2 
_pdbx_validate_rmsd_angle.auth_atom_id_3 
_pdbx_validate_rmsd_angle.auth_asym_id_3 
_pdbx_validate_rmsd_angle.auth_comp_id_3 
_pdbx_validate_rmsd_angle.auth_seq_id_3 
_pdbx_validate_rmsd_angle.PDB_ins_code_3 
_pdbx_validate_rmsd_angle.label_alt_id_3 
_pdbx_validate_rmsd_angle.angle_value 
_pdbx_validate_rmsd_angle.angle_target_value 
_pdbx_validate_rmsd_angle.angle_deviation 
_pdbx_validate_rmsd_angle.angle_standard_deviation 
_pdbx_validate_rmsd_angle.linker_flag 
1 1 N  A ALA 55  ? ? CA A ALA 55  ? ? CB  A ALA 55  ? ? 119.19 110.10 9.09  1.40 N 
2 1 N  A ASN 74  ? ? CA A ASN 74  ? ? CB  A ASN 74  ? ? 125.22 110.60 14.62 1.80 N 
3 1 N  A ALA 87  ? ? CA A ALA 87  ? ? CB  A ALA 87  ? ? 119.78 110.10 9.68  1.40 N 
4 1 CB A TYR 105 ? ? CG A TYR 105 ? ? CD2 A TYR 105 ? ? 115.43 121.00 -5.57 0.60 N 
5 1 CB A TYR 105 ? ? CG A TYR 105 ? ? CD1 A TYR 105 ? ? 124.68 121.00 3.68  0.60 N 
6 1 N  A VAL 107 ? ? CA A VAL 107 ? ? CB  A VAL 107 ? ? 124.75 111.50 13.25 2.20 N 
# 
loop_
_pdbx_validate_torsion.id 
_pdbx_validate_torsion.PDB_model_num 
_pdbx_validate_torsion.auth_comp_id 
_pdbx_validate_torsion.auth_asym_id 
_pdbx_validate_torsion.auth_seq_id 
_pdbx_validate_torsion.PDB_ins_code 
_pdbx_validate_torsion.label_alt_id 
_pdbx_validate_torsion.phi 
_pdbx_validate_torsion.psi 
1  1 THR A 8  ? ? 88.84   143.53  
2  1 GLN A 9  ? ? 153.49  60.64   
3  1 LEU A 11 ? ? 81.65   -21.09  
4  1 LYS A 29 ? ? -71.45  -91.77  
5  1 SER A 30 ? ? -33.48  -95.86  
6  1 GLU A 31 ? ? -25.02  -75.69  
7  1 LEU A 32 ? ? -33.10  -84.53  
8  1 VAL A 33 ? ? -27.44  -72.25  
9  1 ASN A 34 ? ? -31.58  -76.79  
10 1 ALA A 36 ? ? -49.36  -75.87  
11 1 LYS A 37 ? ? -21.43  -87.59  
12 1 VAL A 39 ? ? 160.36  -35.38  
13 1 ARG A 40 ? ? 178.34  -87.10  
14 1 ILE A 41 ? ? 47.06   -173.29 
15 1 ASP A 42 ? ? -119.24 -139.29 
16 1 ARG A 45 ? ? -88.19  -92.78  
17 1 LYS A 46 ? ? -84.63  -96.20  
18 1 LYS A 48 ? ? -178.06 6.99    
19 1 VAL A 49 ? ? 100.38  105.43  
20 1 ASN A 52 ? ? 45.16   -135.63 
21 1 ALA A 55 ? ? 131.95  -162.14 
22 1 MET A 71 ? ? -45.02  -83.56  
23 1 SER A 72 ? ? -19.72  -60.65  
24 1 LYS A 83 ? ? 25.52   132.56  
25 1 ALA A 87 ? ? 174.02  117.76  
# 
loop_
_pdbx_validate_planes.id 
_pdbx_validate_planes.PDB_model_num 
_pdbx_validate_planes.auth_comp_id 
_pdbx_validate_planes.auth_asym_id 
_pdbx_validate_planes.auth_seq_id 
_pdbx_validate_planes.PDB_ins_code 
_pdbx_validate_planes.label_alt_id 
_pdbx_validate_planes.rmsd 
_pdbx_validate_planes.type 
1 1 ARG A 73 ? ? 0.085 'SIDE CHAIN' 
2 1 TYR A 97 ? ? 0.148 'SIDE CHAIN' 
# 
_em_3d_reconstruction.entry_id                    4URD 
_em_3d_reconstruction.id                          1 
_em_3d_reconstruction.symmetry_type               POINT 
_em_3d_reconstruction.num_particles               100931 
_em_3d_reconstruction.image_processing_id         1 
_em_3d_reconstruction.method                      'PROJECTION MATCHING' 
_em_3d_reconstruction.nominal_pixel_size          ? 
_em_3d_reconstruction.actual_pixel_size           ? 
_em_3d_reconstruction.resolution                  7.7 
_em_3d_reconstruction.magnification_calibration   ? 
_em_3d_reconstruction.details                     
'SUBMISSION BASED ON EXPERIMENTAL DATA FROM EMDB EMD-2695. (DEPOSITION ID: 12641).' 
_em_3d_reconstruction.num_class_averages          ? 
_em_3d_reconstruction.resolution_method           ? 
_em_3d_reconstruction.algorithm                   ? 
# 
_em_buffer.id            1 
_em_buffer.specimen_id   1 
_em_buffer.name          '20 MM HEPES, 100 MM KOAC, 10 MM MG(OAC)2, 2 MM DTT' 
_em_buffer.pH            7.4 
_em_buffer.details       '20 MM HEPES, 100 MM KOAC, 10 MM MG(OAC)2, 2 MM DTT' 
# 
_em_entity_assembly.id                   1 
_em_entity_assembly.name                 'TNAC-STALLED-RNC WITH TRIGGER FACTOR' 
_em_entity_assembly.type                 COMPLEX 
_em_entity_assembly.parent_id            0 
_em_entity_assembly.synonym              ? 
_em_entity_assembly.details              ? 
_em_entity_assembly.oligomeric_details   ? 
# 
_em_image_scans.entry_id                4URD 
_em_image_scans.id                      1 
_em_image_scans.image_recording_id      1 
_em_image_scans.number_digital_images   221 
_em_image_scans.citation_id             ? 
_em_image_scans.od_range                ? 
_em_image_scans.quant_bit_size          ? 
_em_image_scans.sampling_size           ? 
_em_image_scans.scanner_model           ? 
_em_image_scans.details                 ? 
# 
_em_imaging.entry_id                        4URD 
_em_imaging.id                              1 
_em_imaging.specimen_id                     1 
_em_imaging.date                            2010-11-21 
_em_imaging.temperature                     ? 
_em_imaging.microscope_model                'FEI TECNAI F30' 
_em_imaging.nominal_defocus_min             1200 
_em_imaging.nominal_defocus_max             3500 
_em_imaging.tilt_angle_min                  ? 
_em_imaging.tilt_angle_max                  ? 
_em_imaging.nominal_cs                      2.0 
_em_imaging.mode                            'BRIGHT FIELD' 
_em_imaging.illumination_mode               'FLOOD BEAM' 
_em_imaging.nominal_magnification           39000 
_em_imaging.calibrated_magnification        38900 
_em_imaging.electron_source                 'FIELD EMISSION GUN' 
_em_imaging.accelerating_voltage            300 
_em_imaging.details                         ? 
_em_imaging.specimen_holder_type            . 
_em_imaging.specimen_holder_model           . 
_em_imaging.citation_id                     ? 
_em_imaging.astigmatism                     ? 
_em_imaging.detector_distance               ? 
_em_imaging.electron_beam_tilt_params       ? 
_em_imaging.recording_temperature_maximum   ? 
_em_imaging.recording_temperature_minimum   ? 
# 
_em_sample_support.id               1 
_em_sample_support.specimen_id      1 
_em_sample_support.details          'HOLEY CARBON' 
_em_sample_support.method           ? 
_em_sample_support.film_material    ? 
_em_sample_support.grid_material    ? 
_em_sample_support.grid_mesh_size   ? 
_em_sample_support.grid_type        ? 
# 
_em_vitrification.entry_id              4URD 
_em_vitrification.id                    1 
_em_vitrification.instrument            'FEI VITROBOT MARK III' 
_em_vitrification.cryogen_name          ETHANE 
_em_vitrification.specimen_id           1 
_em_vitrification.details               
;VITRIFICATION 1 -- CRYOGEN- ETHANE, HUMIDITY- 100, INSTRUMENT- FEI VITROBOT MARK III, METHOD- BLOT FOR 10 SECONDS BEFORE PLUNGING, USE 2 LAYERS OF FILTER PAPER V,
;
_em_vitrification.citation_id           ? 
_em_vitrification.humidity              ? 
_em_vitrification.method                ? 
_em_vitrification.temp                  ? 
_em_vitrification.time_resolved_state   ? 
# 
_em_experiment.entry_id                4URD 
_em_experiment.id                      1 
_em_experiment.aggregation_state       PARTICLE 
_em_experiment.entity_assembly_id      1 
_em_experiment.reconstruction_method   'SINGLE PARTICLE' 
# 
_em_single_particle_entity.entry_id              4URD 
_em_single_particle_entity.id                    1 
_em_single_particle_entity.point_symmetry        C1 
_em_single_particle_entity.image_processing_id   1 
# 
loop_
_chem_comp_atom.comp_id 
_chem_comp_atom.atom_id 
_chem_comp_atom.type_symbol 
_chem_comp_atom.pdbx_aromatic_flag 
_chem_comp_atom.pdbx_stereo_config 
_chem_comp_atom.pdbx_ordinal 
ALA N    N N N 1   
ALA CA   C N S 2   
ALA C    C N N 3   
ALA O    O N N 4   
ALA CB   C N N 5   
ALA OXT  O N N 6   
ALA H    H N N 7   
ALA H2   H N N 8   
ALA HA   H N N 9   
ALA HB1  H N N 10  
ALA HB2  H N N 11  
ALA HB3  H N N 12  
ALA HXT  H N N 13  
ARG N    N N N 14  
ARG CA   C N S 15  
ARG C    C N N 16  
ARG O    O N N 17  
ARG CB   C N N 18  
ARG CG   C N N 19  
ARG CD   C N N 20  
ARG NE   N N N 21  
ARG CZ   C N N 22  
ARG NH1  N N N 23  
ARG NH2  N N N 24  
ARG OXT  O N N 25  
ARG H    H N N 26  
ARG H2   H N N 27  
ARG HA   H N N 28  
ARG HB2  H N N 29  
ARG HB3  H N N 30  
ARG HG2  H N N 31  
ARG HG3  H N N 32  
ARG HD2  H N N 33  
ARG HD3  H N N 34  
ARG HE   H N N 35  
ARG HH11 H N N 36  
ARG HH12 H N N 37  
ARG HH21 H N N 38  
ARG HH22 H N N 39  
ARG HXT  H N N 40  
ASN N    N N N 41  
ASN CA   C N S 42  
ASN C    C N N 43  
ASN O    O N N 44  
ASN CB   C N N 45  
ASN CG   C N N 46  
ASN OD1  O N N 47  
ASN ND2  N N N 48  
ASN OXT  O N N 49  
ASN H    H N N 50  
ASN H2   H N N 51  
ASN HA   H N N 52  
ASN HB2  H N N 53  
ASN HB3  H N N 54  
ASN HD21 H N N 55  
ASN HD22 H N N 56  
ASN HXT  H N N 57  
ASP N    N N N 58  
ASP CA   C N S 59  
ASP C    C N N 60  
ASP O    O N N 61  
ASP CB   C N N 62  
ASP CG   C N N 63  
ASP OD1  O N N 64  
ASP OD2  O N N 65  
ASP OXT  O N N 66  
ASP H    H N N 67  
ASP H2   H N N 68  
ASP HA   H N N 69  
ASP HB2  H N N 70  
ASP HB3  H N N 71  
ASP HD2  H N N 72  
ASP HXT  H N N 73  
GLN N    N N N 74  
GLN CA   C N S 75  
GLN C    C N N 76  
GLN O    O N N 77  
GLN CB   C N N 78  
GLN CG   C N N 79  
GLN CD   C N N 80  
GLN OE1  O N N 81  
GLN NE2  N N N 82  
GLN OXT  O N N 83  
GLN H    H N N 84  
GLN H2   H N N 85  
GLN HA   H N N 86  
GLN HB2  H N N 87  
GLN HB3  H N N 88  
GLN HG2  H N N 89  
GLN HG3  H N N 90  
GLN HE21 H N N 91  
GLN HE22 H N N 92  
GLN HXT  H N N 93  
GLU N    N N N 94  
GLU CA   C N S 95  
GLU C    C N N 96  
GLU O    O N N 97  
GLU CB   C N N 98  
GLU CG   C N N 99  
GLU CD   C N N 100 
GLU OE1  O N N 101 
GLU OE2  O N N 102 
GLU OXT  O N N 103 
GLU H    H N N 104 
GLU H2   H N N 105 
GLU HA   H N N 106 
GLU HB2  H N N 107 
GLU HB3  H N N 108 
GLU HG2  H N N 109 
GLU HG3  H N N 110 
GLU HE2  H N N 111 
GLU HXT  H N N 112 
GLY N    N N N 113 
GLY CA   C N N 114 
GLY C    C N N 115 
GLY O    O N N 116 
GLY OXT  O N N 117 
GLY H    H N N 118 
GLY H2   H N N 119 
GLY HA2  H N N 120 
GLY HA3  H N N 121 
GLY HXT  H N N 122 
ILE N    N N N 123 
ILE CA   C N S 124 
ILE C    C N N 125 
ILE O    O N N 126 
ILE CB   C N S 127 
ILE CG1  C N N 128 
ILE CG2  C N N 129 
ILE CD1  C N N 130 
ILE OXT  O N N 131 
ILE H    H N N 132 
ILE H2   H N N 133 
ILE HA   H N N 134 
ILE HB   H N N 135 
ILE HG12 H N N 136 
ILE HG13 H N N 137 
ILE HG21 H N N 138 
ILE HG22 H N N 139 
ILE HG23 H N N 140 
ILE HD11 H N N 141 
ILE HD12 H N N 142 
ILE HD13 H N N 143 
ILE HXT  H N N 144 
LEU N    N N N 145 
LEU CA   C N S 146 
LEU C    C N N 147 
LEU O    O N N 148 
LEU CB   C N N 149 
LEU CG   C N N 150 
LEU CD1  C N N 151 
LEU CD2  C N N 152 
LEU OXT  O N N 153 
LEU H    H N N 154 
LEU H2   H N N 155 
LEU HA   H N N 156 
LEU HB2  H N N 157 
LEU HB3  H N N 158 
LEU HG   H N N 159 
LEU HD11 H N N 160 
LEU HD12 H N N 161 
LEU HD13 H N N 162 
LEU HD21 H N N 163 
LEU HD22 H N N 164 
LEU HD23 H N N 165 
LEU HXT  H N N 166 
LYS N    N N N 167 
LYS CA   C N S 168 
LYS C    C N N 169 
LYS O    O N N 170 
LYS CB   C N N 171 
LYS CG   C N N 172 
LYS CD   C N N 173 
LYS CE   C N N 174 
LYS NZ   N N N 175 
LYS OXT  O N N 176 
LYS H    H N N 177 
LYS H2   H N N 178 
LYS HA   H N N 179 
LYS HB2  H N N 180 
LYS HB3  H N N 181 
LYS HG2  H N N 182 
LYS HG3  H N N 183 
LYS HD2  H N N 184 
LYS HD3  H N N 185 
LYS HE2  H N N 186 
LYS HE3  H N N 187 
LYS HZ1  H N N 188 
LYS HZ2  H N N 189 
LYS HZ3  H N N 190 
LYS HXT  H N N 191 
MET N    N N N 192 
MET CA   C N S 193 
MET C    C N N 194 
MET O    O N N 195 
MET CB   C N N 196 
MET CG   C N N 197 
MET SD   S N N 198 
MET CE   C N N 199 
MET OXT  O N N 200 
MET H    H N N 201 
MET H2   H N N 202 
MET HA   H N N 203 
MET HB2  H N N 204 
MET HB3  H N N 205 
MET HG2  H N N 206 
MET HG3  H N N 207 
MET HE1  H N N 208 
MET HE2  H N N 209 
MET HE3  H N N 210 
MET HXT  H N N 211 
PHE N    N N N 212 
PHE CA   C N S 213 
PHE C    C N N 214 
PHE O    O N N 215 
PHE CB   C N N 216 
PHE CG   C Y N 217 
PHE CD1  C Y N 218 
PHE CD2  C Y N 219 
PHE CE1  C Y N 220 
PHE CE2  C Y N 221 
PHE CZ   C Y N 222 
PHE OXT  O N N 223 
PHE H    H N N 224 
PHE H2   H N N 225 
PHE HA   H N N 226 
PHE HB2  H N N 227 
PHE HB3  H N N 228 
PHE HD1  H N N 229 
PHE HD2  H N N 230 
PHE HE1  H N N 231 
PHE HE2  H N N 232 
PHE HZ   H N N 233 
PHE HXT  H N N 234 
PRO N    N N N 235 
PRO CA   C N S 236 
PRO C    C N N 237 
PRO O    O N N 238 
PRO CB   C N N 239 
PRO CG   C N N 240 
PRO CD   C N N 241 
PRO OXT  O N N 242 
PRO H    H N N 243 
PRO HA   H N N 244 
PRO HB2  H N N 245 
PRO HB3  H N N 246 
PRO HG2  H N N 247 
PRO HG3  H N N 248 
PRO HD2  H N N 249 
PRO HD3  H N N 250 
PRO HXT  H N N 251 
SER N    N N N 252 
SER CA   C N S 253 
SER C    C N N 254 
SER O    O N N 255 
SER CB   C N N 256 
SER OG   O N N 257 
SER OXT  O N N 258 
SER H    H N N 259 
SER H2   H N N 260 
SER HA   H N N 261 
SER HB2  H N N 262 
SER HB3  H N N 263 
SER HG   H N N 264 
SER HXT  H N N 265 
THR N    N N N 266 
THR CA   C N S 267 
THR C    C N N 268 
THR O    O N N 269 
THR CB   C N R 270 
THR OG1  O N N 271 
THR CG2  C N N 272 
THR OXT  O N N 273 
THR H    H N N 274 
THR H2   H N N 275 
THR HA   H N N 276 
THR HB   H N N 277 
THR HG1  H N N 278 
THR HG21 H N N 279 
THR HG22 H N N 280 
THR HG23 H N N 281 
THR HXT  H N N 282 
TYR N    N N N 283 
TYR CA   C N S 284 
TYR C    C N N 285 
TYR O    O N N 286 
TYR CB   C N N 287 
TYR CG   C Y N 288 
TYR CD1  C Y N 289 
TYR CD2  C Y N 290 
TYR CE1  C Y N 291 
TYR CE2  C Y N 292 
TYR CZ   C Y N 293 
TYR OH   O N N 294 
TYR OXT  O N N 295 
TYR H    H N N 296 
TYR H2   H N N 297 
TYR HA   H N N 298 
TYR HB2  H N N 299 
TYR HB3  H N N 300 
TYR HD1  H N N 301 
TYR HD2  H N N 302 
TYR HE1  H N N 303 
TYR HE2  H N N 304 
TYR HH   H N N 305 
TYR HXT  H N N 306 
VAL N    N N N 307 
VAL CA   C N S 308 
VAL C    C N N 309 
VAL O    O N N 310 
VAL CB   C N N 311 
VAL CG1  C N N 312 
VAL CG2  C N N 313 
VAL OXT  O N N 314 
VAL H    H N N 315 
VAL H2   H N N 316 
VAL HA   H N N 317 
VAL HB   H N N 318 
VAL HG11 H N N 319 
VAL HG12 H N N 320 
VAL HG13 H N N 321 
VAL HG21 H N N 322 
VAL HG22 H N N 323 
VAL HG23 H N N 324 
VAL HXT  H N N 325 
# 
loop_
_chem_comp_bond.comp_id 
_chem_comp_bond.atom_id_1 
_chem_comp_bond.atom_id_2 
_chem_comp_bond.value_order 
_chem_comp_bond.pdbx_aromatic_flag 
_chem_comp_bond.pdbx_stereo_config 
_chem_comp_bond.pdbx_ordinal 
ALA N   CA   sing N N 1   
ALA N   H    sing N N 2   
ALA N   H2   sing N N 3   
ALA CA  C    sing N N 4   
ALA CA  CB   sing N N 5   
ALA CA  HA   sing N N 6   
ALA C   O    doub N N 7   
ALA C   OXT  sing N N 8   
ALA CB  HB1  sing N N 9   
ALA CB  HB2  sing N N 10  
ALA CB  HB3  sing N N 11  
ALA OXT HXT  sing N N 12  
ARG N   CA   sing N N 13  
ARG N   H    sing N N 14  
ARG N   H2   sing N N 15  
ARG CA  C    sing N N 16  
ARG CA  CB   sing N N 17  
ARG CA  HA   sing N N 18  
ARG C   O    doub N N 19  
ARG C   OXT  sing N N 20  
ARG CB  CG   sing N N 21  
ARG CB  HB2  sing N N 22  
ARG CB  HB3  sing N N 23  
ARG CG  CD   sing N N 24  
ARG CG  HG2  sing N N 25  
ARG CG  HG3  sing N N 26  
ARG CD  NE   sing N N 27  
ARG CD  HD2  sing N N 28  
ARG CD  HD3  sing N N 29  
ARG NE  CZ   sing N N 30  
ARG NE  HE   sing N N 31  
ARG CZ  NH1  sing N N 32  
ARG CZ  NH2  doub N N 33  
ARG NH1 HH11 sing N N 34  
ARG NH1 HH12 sing N N 35  
ARG NH2 HH21 sing N N 36  
ARG NH2 HH22 sing N N 37  
ARG OXT HXT  sing N N 38  
ASN N   CA   sing N N 39  
ASN N   H    sing N N 40  
ASN N   H2   sing N N 41  
ASN CA  C    sing N N 42  
ASN CA  CB   sing N N 43  
ASN CA  HA   sing N N 44  
ASN C   O    doub N N 45  
ASN C   OXT  sing N N 46  
ASN CB  CG   sing N N 47  
ASN CB  HB2  sing N N 48  
ASN CB  HB3  sing N N 49  
ASN CG  OD1  doub N N 50  
ASN CG  ND2  sing N N 51  
ASN ND2 HD21 sing N N 52  
ASN ND2 HD22 sing N N 53  
ASN OXT HXT  sing N N 54  
ASP N   CA   sing N N 55  
ASP N   H    sing N N 56  
ASP N   H2   sing N N 57  
ASP CA  C    sing N N 58  
ASP CA  CB   sing N N 59  
ASP CA  HA   sing N N 60  
ASP C   O    doub N N 61  
ASP C   OXT  sing N N 62  
ASP CB  CG   sing N N 63  
ASP CB  HB2  sing N N 64  
ASP CB  HB3  sing N N 65  
ASP CG  OD1  doub N N 66  
ASP CG  OD2  sing N N 67  
ASP OD2 HD2  sing N N 68  
ASP OXT HXT  sing N N 69  
GLN N   CA   sing N N 70  
GLN N   H    sing N N 71  
GLN N   H2   sing N N 72  
GLN CA  C    sing N N 73  
GLN CA  CB   sing N N 74  
GLN CA  HA   sing N N 75  
GLN C   O    doub N N 76  
GLN C   OXT  sing N N 77  
GLN CB  CG   sing N N 78  
GLN CB  HB2  sing N N 79  
GLN CB  HB3  sing N N 80  
GLN CG  CD   sing N N 81  
GLN CG  HG2  sing N N 82  
GLN CG  HG3  sing N N 83  
GLN CD  OE1  doub N N 84  
GLN CD  NE2  sing N N 85  
GLN NE2 HE21 sing N N 86  
GLN NE2 HE22 sing N N 87  
GLN OXT HXT  sing N N 88  
GLU N   CA   sing N N 89  
GLU N   H    sing N N 90  
GLU N   H2   sing N N 91  
GLU CA  C    sing N N 92  
GLU CA  CB   sing N N 93  
GLU CA  HA   sing N N 94  
GLU C   O    doub N N 95  
GLU C   OXT  sing N N 96  
GLU CB  CG   sing N N 97  
GLU CB  HB2  sing N N 98  
GLU CB  HB3  sing N N 99  
GLU CG  CD   sing N N 100 
GLU CG  HG2  sing N N 101 
GLU CG  HG3  sing N N 102 
GLU CD  OE1  doub N N 103 
GLU CD  OE2  sing N N 104 
GLU OE2 HE2  sing N N 105 
GLU OXT HXT  sing N N 106 
GLY N   CA   sing N N 107 
GLY N   H    sing N N 108 
GLY N   H2   sing N N 109 
GLY CA  C    sing N N 110 
GLY CA  HA2  sing N N 111 
GLY CA  HA3  sing N N 112 
GLY C   O    doub N N 113 
GLY C   OXT  sing N N 114 
GLY OXT HXT  sing N N 115 
ILE N   CA   sing N N 116 
ILE N   H    sing N N 117 
ILE N   H2   sing N N 118 
ILE CA  C    sing N N 119 
ILE CA  CB   sing N N 120 
ILE CA  HA   sing N N 121 
ILE C   O    doub N N 122 
ILE C   OXT  sing N N 123 
ILE CB  CG1  sing N N 124 
ILE CB  CG2  sing N N 125 
ILE CB  HB   sing N N 126 
ILE CG1 CD1  sing N N 127 
ILE CG1 HG12 sing N N 128 
ILE CG1 HG13 sing N N 129 
ILE CG2 HG21 sing N N 130 
ILE CG2 HG22 sing N N 131 
ILE CG2 HG23 sing N N 132 
ILE CD1 HD11 sing N N 133 
ILE CD1 HD12 sing N N 134 
ILE CD1 HD13 sing N N 135 
ILE OXT HXT  sing N N 136 
LEU N   CA   sing N N 137 
LEU N   H    sing N N 138 
LEU N   H2   sing N N 139 
LEU CA  C    sing N N 140 
LEU CA  CB   sing N N 141 
LEU CA  HA   sing N N 142 
LEU C   O    doub N N 143 
LEU C   OXT  sing N N 144 
LEU CB  CG   sing N N 145 
LEU CB  HB2  sing N N 146 
LEU CB  HB3  sing N N 147 
LEU CG  CD1  sing N N 148 
LEU CG  CD2  sing N N 149 
LEU CG  HG   sing N N 150 
LEU CD1 HD11 sing N N 151 
LEU CD1 HD12 sing N N 152 
LEU CD1 HD13 sing N N 153 
LEU CD2 HD21 sing N N 154 
LEU CD2 HD22 sing N N 155 
LEU CD2 HD23 sing N N 156 
LEU OXT HXT  sing N N 157 
LYS N   CA   sing N N 158 
LYS N   H    sing N N 159 
LYS N   H2   sing N N 160 
LYS CA  C    sing N N 161 
LYS CA  CB   sing N N 162 
LYS CA  HA   sing N N 163 
LYS C   O    doub N N 164 
LYS C   OXT  sing N N 165 
LYS CB  CG   sing N N 166 
LYS CB  HB2  sing N N 167 
LYS CB  HB3  sing N N 168 
LYS CG  CD   sing N N 169 
LYS CG  HG2  sing N N 170 
LYS CG  HG3  sing N N 171 
LYS CD  CE   sing N N 172 
LYS CD  HD2  sing N N 173 
LYS CD  HD3  sing N N 174 
LYS CE  NZ   sing N N 175 
LYS CE  HE2  sing N N 176 
LYS CE  HE3  sing N N 177 
LYS NZ  HZ1  sing N N 178 
LYS NZ  HZ2  sing N N 179 
LYS NZ  HZ3  sing N N 180 
LYS OXT HXT  sing N N 181 
MET N   CA   sing N N 182 
MET N   H    sing N N 183 
MET N   H2   sing N N 184 
MET CA  C    sing N N 185 
MET CA  CB   sing N N 186 
MET CA  HA   sing N N 187 
MET C   O    doub N N 188 
MET C   OXT  sing N N 189 
MET CB  CG   sing N N 190 
MET CB  HB2  sing N N 191 
MET CB  HB3  sing N N 192 
MET CG  SD   sing N N 193 
MET CG  HG2  sing N N 194 
MET CG  HG3  sing N N 195 
MET SD  CE   sing N N 196 
MET CE  HE1  sing N N 197 
MET CE  HE2  sing N N 198 
MET CE  HE3  sing N N 199 
MET OXT HXT  sing N N 200 
PHE N   CA   sing N N 201 
PHE N   H    sing N N 202 
PHE N   H2   sing N N 203 
PHE CA  C    sing N N 204 
PHE CA  CB   sing N N 205 
PHE CA  HA   sing N N 206 
PHE C   O    doub N N 207 
PHE C   OXT  sing N N 208 
PHE CB  CG   sing N N 209 
PHE CB  HB2  sing N N 210 
PHE CB  HB3  sing N N 211 
PHE CG  CD1  doub Y N 212 
PHE CG  CD2  sing Y N 213 
PHE CD1 CE1  sing Y N 214 
PHE CD1 HD1  sing N N 215 
PHE CD2 CE2  doub Y N 216 
PHE CD2 HD2  sing N N 217 
PHE CE1 CZ   doub Y N 218 
PHE CE1 HE1  sing N N 219 
PHE CE2 CZ   sing Y N 220 
PHE CE2 HE2  sing N N 221 
PHE CZ  HZ   sing N N 222 
PHE OXT HXT  sing N N 223 
PRO N   CA   sing N N 224 
PRO N   CD   sing N N 225 
PRO N   H    sing N N 226 
PRO CA  C    sing N N 227 
PRO CA  CB   sing N N 228 
PRO CA  HA   sing N N 229 
PRO C   O    doub N N 230 
PRO C   OXT  sing N N 231 
PRO CB  CG   sing N N 232 
PRO CB  HB2  sing N N 233 
PRO CB  HB3  sing N N 234 
PRO CG  CD   sing N N 235 
PRO CG  HG2  sing N N 236 
PRO CG  HG3  sing N N 237 
PRO CD  HD2  sing N N 238 
PRO CD  HD3  sing N N 239 
PRO OXT HXT  sing N N 240 
SER N   CA   sing N N 241 
SER N   H    sing N N 242 
SER N   H2   sing N N 243 
SER CA  C    sing N N 244 
SER CA  CB   sing N N 245 
SER CA  HA   sing N N 246 
SER C   O    doub N N 247 
SER C   OXT  sing N N 248 
SER CB  OG   sing N N 249 
SER CB  HB2  sing N N 250 
SER CB  HB3  sing N N 251 
SER OG  HG   sing N N 252 
SER OXT HXT  sing N N 253 
THR N   CA   sing N N 254 
THR N   H    sing N N 255 
THR N   H2   sing N N 256 
THR CA  C    sing N N 257 
THR CA  CB   sing N N 258 
THR CA  HA   sing N N 259 
THR C   O    doub N N 260 
THR C   OXT  sing N N 261 
THR CB  OG1  sing N N 262 
THR CB  CG2  sing N N 263 
THR CB  HB   sing N N 264 
THR OG1 HG1  sing N N 265 
THR CG2 HG21 sing N N 266 
THR CG2 HG22 sing N N 267 
THR CG2 HG23 sing N N 268 
THR OXT HXT  sing N N 269 
TYR N   CA   sing N N 270 
TYR N   H    sing N N 271 
TYR N   H2   sing N N 272 
TYR CA  C    sing N N 273 
TYR CA  CB   sing N N 274 
TYR CA  HA   sing N N 275 
TYR C   O    doub N N 276 
TYR C   OXT  sing N N 277 
TYR CB  CG   sing N N 278 
TYR CB  HB2  sing N N 279 
TYR CB  HB3  sing N N 280 
TYR CG  CD1  doub Y N 281 
TYR CG  CD2  sing Y N 282 
TYR CD1 CE1  sing Y N 283 
TYR CD1 HD1  sing N N 284 
TYR CD2 CE2  doub Y N 285 
TYR CD2 HD2  sing N N 286 
TYR CE1 CZ   doub Y N 287 
TYR CE1 HE1  sing N N 288 
TYR CE2 CZ   sing Y N 289 
TYR CE2 HE2  sing N N 290 
TYR CZ  OH   sing N N 291 
TYR OH  HH   sing N N 292 
TYR OXT HXT  sing N N 293 
VAL N   CA   sing N N 294 
VAL N   H    sing N N 295 
VAL N   H2   sing N N 296 
VAL CA  C    sing N N 297 
VAL CA  CB   sing N N 298 
VAL CA  HA   sing N N 299 
VAL C   O    doub N N 300 
VAL C   OXT  sing N N 301 
VAL CB  CG1  sing N N 302 
VAL CB  CG2  sing N N 303 
VAL CB  HB   sing N N 304 
VAL CG1 HG11 sing N N 305 
VAL CG1 HG12 sing N N 306 
VAL CG1 HG13 sing N N 307 
VAL CG2 HG21 sing N N 308 
VAL CG2 HG22 sing N N 309 
VAL CG2 HG23 sing N N 310 
VAL OXT HXT  sing N N 311 
# 
_em_ctf_correction.id        1 
_em_ctf_correction.details   'ON VOLUMES (SPIDER)' 
_em_ctf_correction.type      ? 
# 
_em_image_processing.id                   1 
_em_image_processing.image_recording_id   1 
_em_image_processing.details              ? 
# 
_em_image_recording.avg_electron_dose_per_image   20 
_em_image_recording.details                       ? 
_em_image_recording.id                            1 
_em_image_recording.film_or_detector_model        'KODAK SO-163 FILM' 
_em_image_recording.imaging_id                    1 
_em_image_recording.detector_mode                 ? 
_em_image_recording.average_exposure_time         ? 
_em_image_recording.num_diffraction_images        ? 
_em_image_recording.num_grids_imaged              ? 
_em_image_recording.num_real_images               ? 
# 
_em_software.id                    1 
_em_software.name                  SPIDER 
_em_software.version               ? 
_em_software.category              RECONSTRUCTION 
_em_software.details               ? 
_em_software.image_processing_id   1 
# 
_em_specimen.experiment_id           1 
_em_specimen.id                      1 
_em_specimen.concentration           ? 
_em_specimen.embedding_applied       NO 
_em_specimen.shadowing_applied       NO 
_em_specimen.staining_applied        NO 
_em_specimen.vitrification_applied   YES 
_em_specimen.details                 ? 
# 
_atom_sites.entry_id                    4URD 
_atom_sites.fract_transf_matrix[1][1]   1.000000 
_atom_sites.fract_transf_matrix[1][2]   0.000000 
_atom_sites.fract_transf_matrix[1][3]   0.000000 
_atom_sites.fract_transf_matrix[2][1]   0.000000 
_atom_sites.fract_transf_matrix[2][2]   1.000000 
_atom_sites.fract_transf_matrix[2][3]   0.000000 
_atom_sites.fract_transf_matrix[3][1]   0.000000 
_atom_sites.fract_transf_matrix[3][2]   0.000000 
_atom_sites.fract_transf_matrix[3][3]   1.000000 
_atom_sites.fract_transf_vector[1]      0.00000 
_atom_sites.fract_transf_vector[2]      0.00000 
_atom_sites.fract_transf_vector[3]      0.00000 
# 
loop_
_atom_type.symbol 
C 
N 
O 
S 
# 
loop_
_atom_site.group_PDB 
_atom_site.id 
_atom_site.type_symbol 
_atom_site.label_atom_id 
_atom_site.label_alt_id 
_atom_site.label_comp_id 
_atom_site.label_asym_id 
_atom_site.label_entity_id 
_atom_site.label_seq_id 
_atom_site.pdbx_PDB_ins_code 
_atom_site.Cartn_x 
_atom_site.Cartn_y 
_atom_site.Cartn_z 
_atom_site.occupancy 
_atom_site.B_iso_or_equiv 
_atom_site.pdbx_formal_charge 
_atom_site.auth_seq_id 
_atom_site.auth_comp_id 
_atom_site.auth_asym_id 
_atom_site.auth_atom_id 
_atom_site.pdbx_PDB_model_num 
ATOM 1   N N   . MET A 1 1   ? -5.410  -5.437  11.612  1.00 0.00 ? 1   MET A N   1 
ATOM 2   C CA  . MET A 1 1   ? -4.250  -5.716  10.772  1.00 0.00 ? 1   MET A CA  1 
ATOM 3   C C   . MET A 1 1   ? -3.473  -6.922  11.288  1.00 0.00 ? 1   MET A C   1 
ATOM 4   O O   . MET A 1 1   ? -3.604  -7.307  12.450  1.00 0.00 ? 1   MET A O   1 
ATOM 5   C CB  . MET A 1 1   ? -3.335  -4.493  10.699  1.00 0.00 ? 1   MET A CB  1 
ATOM 6   C CG  . MET A 1 1   ? -3.434  -3.570  11.903  1.00 0.00 ? 1   MET A CG  1 
ATOM 7   S SD  . MET A 1 1   ? -4.915  -2.542  11.872  1.00 0.00 ? 1   MET A SD  1 
ATOM 8   C CE  . MET A 1 1   ? -4.216  -0.930  12.222  1.00 0.00 ? 1   MET A CE  1 
ATOM 9   N N   . GLN A 1 2   ? -2.663  -7.515  10.417  1.00 0.00 ? 2   GLN A N   1 
ATOM 10  C CA  . GLN A 1 2   ? -1.867  -8.671  10.781  1.00 0.00 ? 2   GLN A CA  1 
ATOM 11  C C   . GLN A 1 2   ? -0.370  -8.411  10.782  1.00 0.00 ? 2   GLN A C   1 
ATOM 12  O O   . GLN A 1 2   ? 0.241   -8.315  9.721   1.00 0.00 ? 2   GLN A O   1 
ATOM 13  C CB  . GLN A 1 2   ? -2.212  -9.856  9.861   1.00 0.00 ? 2   GLN A CB  1 
ATOM 14  C CG  . GLN A 1 2   ? -1.458  -11.149 10.190  1.00 0.00 ? 2   GLN A CG  1 
ATOM 15  C CD  . GLN A 1 2   ? -2.087  -12.304 9.407   1.00 0.00 ? 2   GLN A CD  1 
ATOM 16  O OE1 . GLN A 1 2   ? -2.407  -12.180 8.219   1.00 0.00 ? 2   GLN A OE1 1 
ATOM 17  N NE2 . GLN A 1 2   ? -2.273  -13.462 10.112  1.00 0.00 ? 2   GLN A NE2 1 
ATOM 18  N N   . VAL A 1 3   ? 0.240   -8.218  11.985  1.00 0.00 ? 3   VAL A N   1 
ATOM 19  C CA  . VAL A 1 3   ? 1.569   -7.657  12.149  1.00 0.00 ? 3   VAL A CA  1 
ATOM 20  C C   . VAL A 1 3   ? 2.487   -8.621  12.897  1.00 0.00 ? 3   VAL A C   1 
ATOM 21  O O   . VAL A 1 3   ? 2.045   -9.339  13.789  1.00 0.00 ? 3   VAL A O   1 
ATOM 22  C CB  . VAL A 1 3   ? 1.541   -6.389  12.999  1.00 0.00 ? 3   VAL A CB  1 
ATOM 23  C CG1 . VAL A 1 3   ? 2.707   -5.447  12.614  1.00 0.00 ? 3   VAL A CG1 1 
ATOM 24  C CG2 . VAL A 1 3   ? 0.181   -5.678  12.960  1.00 0.00 ? 3   VAL A CG2 1 
ATOM 25  N N   . SER A 1 4   ? 3.794   -8.659  12.514  1.00 0.00 ? 4   SER A N   1 
ATOM 26  C CA  . SER A 1 4   ? 4.890   -9.345  13.176  1.00 0.00 ? 4   SER A CA  1 
ATOM 27  C C   . SER A 1 4   ? 5.997   -8.331  13.399  1.00 0.00 ? 4   SER A C   1 
ATOM 28  O O   . SER A 1 4   ? 6.376   -7.643  12.460  1.00 0.00 ? 4   SER A O   1 
ATOM 29  C CB  . SER A 1 4   ? 5.443   -10.528 12.334  1.00 0.00 ? 4   SER A CB  1 
ATOM 30  O OG  . SER A 1 4   ? 6.430   -11.280 13.031  1.00 0.00 ? 4   SER A OG  1 
ATOM 31  N N   . VAL A 1 5   ? 6.550   -8.208  14.633  1.00 0.00 ? 5   VAL A N   1 
ATOM 32  C CA  . VAL A 1 5   ? 7.665   -7.316  14.932  1.00 0.00 ? 5   VAL A CA  1 
ATOM 33  C C   . VAL A 1 5   ? 8.807   -8.149  15.441  1.00 0.00 ? 5   VAL A C   1 
ATOM 34  O O   . VAL A 1 5   ? 8.729   -8.734  16.521  1.00 0.00 ? 5   VAL A O   1 
ATOM 35  C CB  . VAL A 1 5   ? 7.361   -6.202  15.943  1.00 0.00 ? 5   VAL A CB  1 
ATOM 36  C CG1 . VAL A 1 5   ? 8.640   -5.454  16.402  1.00 0.00 ? 5   VAL A CG1 1 
ATOM 37  C CG2 . VAL A 1 5   ? 6.415   -5.203  15.259  1.00 0.00 ? 5   VAL A CG2 1 
ATOM 38  N N   . GLU A 1 6   ? 9.904   -8.198  14.644  1.00 0.00 ? 6   GLU A N   1 
ATOM 39  C CA  . GLU A 1 6   ? 11.183  -8.694  15.087  1.00 0.00 ? 6   GLU A CA  1 
ATOM 40  C C   . GLU A 1 6   ? 11.920  -7.511  15.672  1.00 0.00 ? 6   GLU A C   1 
ATOM 41  O O   . GLU A 1 6   ? 11.606  -6.362  15.360  1.00 0.00 ? 6   GLU A O   1 
ATOM 42  C CB  . GLU A 1 6   ? 12.047  -9.248  13.925  1.00 0.00 ? 6   GLU A CB  1 
ATOM 43  C CG  . GLU A 1 6   ? 11.407  -10.448 13.202  1.00 0.00 ? 6   GLU A CG  1 
ATOM 44  C CD  . GLU A 1 6   ? 12.247  -10.830 11.986  1.00 0.00 ? 6   GLU A CD  1 
ATOM 45  O OE1 . GLU A 1 6   ? 13.452  -11.154 12.170  1.00 0.00 ? 6   GLU A OE1 1 
ATOM 46  O OE2 . GLU A 1 6   ? 11.693  -10.809 10.855  1.00 0.00 ? 6   GLU A OE2 1 
ATOM 47  N N   . THR A 1 7   ? 12.912  -7.772  16.557  1.00 0.00 ? 7   THR A N   1 
ATOM 48  C CA  . THR A 1 7   ? 13.511  -6.725  17.348  1.00 0.00 ? 7   THR A CA  1 
ATOM 49  C C   . THR A 1 7   ? 14.939  -7.101  17.651  1.00 0.00 ? 7   THR A C   1 
ATOM 50  O O   . THR A 1 7   ? 15.259  -8.272  17.857  1.00 0.00 ? 7   THR A O   1 
ATOM 51  C CB  . THR A 1 7   ? 12.707  -6.382  18.606  1.00 0.00 ? 7   THR A CB  1 
ATOM 52  O OG1 . THR A 1 7   ? 13.236  -5.250  19.290  1.00 0.00 ? 7   THR A OG1 1 
ATOM 53  C CG2 . THR A 1 7   ? 12.606  -7.583  19.571  1.00 0.00 ? 7   THR A CG2 1 
ATOM 54  N N   . THR A 1 8   ? 15.816  -6.062  17.648  1.00 0.00 ? 8   THR A N   1 
ATOM 55  C CA  . THR A 1 8   ? 17.193  -6.037  18.101  1.00 0.00 ? 8   THR A CA  1 
ATOM 56  C C   . THR A 1 8   ? 18.102  -6.428  16.961  1.00 0.00 ? 8   THR A C   1 
ATOM 57  O O   . THR A 1 8   ? 17.765  -7.307  16.169  1.00 0.00 ? 8   THR A O   1 
ATOM 58  C CB  . THR A 1 8   ? 17.473  -6.809  19.400  1.00 0.00 ? 8   THR A CB  1 
ATOM 59  O OG1 . THR A 1 8   ? 16.559  -6.395  20.410  1.00 0.00 ? 8   THR A OG1 1 
ATOM 60  C CG2 . THR A 1 8   ? 18.907  -6.584  19.931  1.00 0.00 ? 8   THR A CG2 1 
ATOM 61  N N   . GLN A 1 9   ? 19.288  -5.764  16.921  1.00 0.00 ? 9   GLN A N   1 
ATOM 62  C CA  . GLN A 1 9   ? 20.413  -5.883  16.019  1.00 0.00 ? 9   GLN A CA  1 
ATOM 63  C C   . GLN A 1 9   ? 21.022  -4.505  16.094  1.00 0.00 ? 9   GLN A C   1 
ATOM 64  O O   . GLN A 1 9   ? 21.118  -3.780  15.105  1.00 0.00 ? 9   GLN A O   1 
ATOM 65  C CB  . GLN A 1 9   ? 20.170  -6.294  14.527  1.00 0.00 ? 9   GLN A CB  1 
ATOM 66  C CG  . GLN A 1 9   ? 21.062  -7.464  14.037  1.00 0.00 ? 9   GLN A CG  1 
ATOM 67  C CD  . GLN A 1 9   ? 22.548  -7.142  13.767  1.00 0.00 ? 9   GLN A CD  1 
ATOM 68  O OE1 . GLN A 1 9   ? 23.312  -8.074  13.485  1.00 0.00 ? 9   GLN A OE1 1 
ATOM 69  N NE2 . GLN A 1 9   ? 22.961  -5.843  13.828  1.00 0.00 ? 9   GLN A NE2 1 
ATOM 70  N N   . GLY A 1 10  ? 21.453  -4.108  17.319  1.00 0.00 ? 10  GLY A N   1 
ATOM 71  C CA  . GLY A 1 10  ? 22.123  -2.853  17.572  1.00 0.00 ? 10  GLY A CA  1 
ATOM 72  C C   . GLY A 1 10  ? 21.245  -1.671  17.268  1.00 0.00 ? 10  GLY A C   1 
ATOM 73  O O   . GLY A 1 10  ? 21.629  -0.816  16.469  1.00 0.00 ? 10  GLY A O   1 
ATOM 74  N N   . LEU A 1 11  ? 20.039  -1.641  17.893  1.00 0.00 ? 11  LEU A N   1 
ATOM 75  C CA  . LEU A 1 11  ? 18.991  -0.649  17.737  1.00 0.00 ? 11  LEU A CA  1 
ATOM 76  C C   . LEU A 1 11  ? 18.131  -0.885  16.517  1.00 0.00 ? 11  LEU A C   1 
ATOM 77  O O   . LEU A 1 11  ? 17.005  -0.389  16.470  1.00 0.00 ? 11  LEU A O   1 
ATOM 78  C CB  . LEU A 1 11  ? 19.433  0.844   17.776  1.00 0.00 ? 11  LEU A CB  1 
ATOM 79  C CG  . LEU A 1 11  ? 20.220  1.261   19.044  1.00 0.00 ? 11  LEU A CG  1 
ATOM 80  C CD1 . LEU A 1 11  ? 20.897  2.632   18.845  1.00 0.00 ? 11  LEU A CD1 1 
ATOM 81  C CD2 . LEU A 1 11  ? 19.345  1.261   20.313  1.00 0.00 ? 11  LEU A CD2 1 
ATOM 82  N N   . GLY A 1 12  ? 18.617  -1.642  15.499  1.00 0.00 ? 12  GLY A N   1 
ATOM 83  C CA  . GLY A 1 12  ? 17.839  -2.069  14.351  1.00 0.00 ? 12  GLY A CA  1 
ATOM 84  C C   . GLY A 1 12  ? 16.613  -2.866  14.717  1.00 0.00 ? 12  GLY A C   1 
ATOM 85  O O   . GLY A 1 12  ? 16.584  -3.518  15.760  1.00 0.00 ? 12  GLY A O   1 
ATOM 86  N N   . ARG A 1 13  ? 15.600  -2.862  13.817  1.00 0.00 ? 13  ARG A N   1 
ATOM 87  C CA  . ARG A 1 13  ? 14.348  -3.567  13.979  1.00 0.00 ? 13  ARG A CA  1 
ATOM 88  C C   . ARG A 1 13  ? 13.840  -3.797  12.580  1.00 0.00 ? 13  ARG A C   1 
ATOM 89  O O   . ARG A 1 13  ? 14.207  -3.087  11.645  1.00 0.00 ? 13  ARG A O   1 
ATOM 90  C CB  . ARG A 1 13  ? 13.270  -2.758  14.758  1.00 0.00 ? 13  ARG A CB  1 
ATOM 91  C CG  . ARG A 1 13  ? 13.352  -2.914  16.289  1.00 0.00 ? 13  ARG A CG  1 
ATOM 92  C CD  . ARG A 1 13  ? 13.081  -1.615  17.064  1.00 0.00 ? 13  ARG A CD  1 
ATOM 93  N NE  . ARG A 1 13  ? 13.118  -1.889  18.543  1.00 0.00 ? 13  ARG A NE  1 
ATOM 94  C CZ  . ARG A 1 13  ? 14.271  -1.984  19.276  1.00 0.00 ? 13  ARG A CZ  1 
ATOM 95  N NH1 . ARG A 1 13  ? 15.500  -1.876  18.697  1.00 0.00 ? 13  ARG A NH1 1 
ATOM 96  N NH2 . ARG A 1 13  ? 14.190  -2.195  20.624  1.00 0.00 ? 13  ARG A NH2 1 
ATOM 97  N N   . ARG A 1 14  ? 12.987  -4.836  12.420  1.00 0.00 ? 14  ARG A N   1 
ATOM 98  C CA  . ARG A 1 14  ? 12.390  -5.236  11.169  1.00 0.00 ? 14  ARG A CA  1 
ATOM 99  C C   . ARG A 1 14  ? 10.961  -5.580  11.473  1.00 0.00 ? 14  ARG A C   1 
ATOM 100 O O   . ARG A 1 14  ? 10.716  -6.372  12.378  1.00 0.00 ? 14  ARG A O   1 
ATOM 101 C CB  . ARG A 1 14  ? 13.049  -6.475  10.524  1.00 0.00 ? 14  ARG A CB  1 
ATOM 102 C CG  . ARG A 1 14  ? 12.491  -6.812  9.128   1.00 0.00 ? 14  ARG A CG  1 
ATOM 103 C CD  . ARG A 1 14  ? 12.983  -8.153  8.568   1.00 0.00 ? 14  ARG A CD  1 
ATOM 104 N NE  . ARG A 1 14  ? 14.484  -8.137  8.521   1.00 0.00 ? 14  ARG A NE  1 
ATOM 105 C CZ  . ARG A 1 14  ? 15.252  -9.256  8.691   1.00 0.00 ? 14  ARG A CZ  1 
ATOM 106 N NH1 . ARG A 1 14  ? 14.686  -10.487 8.851   1.00 0.00 ? 14  ARG A NH1 1 
ATOM 107 N NH2 . ARG A 1 14  ? 16.612  -9.134  8.706   1.00 0.00 ? 14  ARG A NH2 1 
ATOM 108 N N   . VAL A 1 15  ? 9.982   -4.988  10.746  1.00 0.00 ? 15  VAL A N   1 
ATOM 109 C CA  . VAL A 1 15  ? 8.584   -5.287  10.969  1.00 0.00 ? 15  VAL A CA  1 
ATOM 110 C C   . VAL A 1 15  ? 8.079   -5.964  9.715   1.00 0.00 ? 15  VAL A C   1 
ATOM 111 O O   . VAL A 1 15  ? 8.053   -5.341  8.661   1.00 0.00 ? 15  VAL A O   1 
ATOM 112 C CB  . VAL A 1 15  ? 7.766   -4.020  11.211  1.00 0.00 ? 15  VAL A CB  1 
ATOM 113 C CG1 . VAL A 1 15  ? 6.342   -4.419  11.649  1.00 0.00 ? 15  VAL A CG1 1 
ATOM 114 C CG2 . VAL A 1 15  ? 8.487   -3.133  12.252  1.00 0.00 ? 15  VAL A CG2 1 
ATOM 115 N N   . THR A 1 16  ? 7.650   -7.249  9.810   1.00 0.00 ? 16  THR A N   1 
ATOM 116 C CA  . THR A 1 16  ? 7.099   -8.036  8.717   1.00 0.00 ? 16  THR A CA  1 
ATOM 117 C C   . THR A 1 16  ? 5.595   -8.049  8.867   1.00 0.00 ? 16  THR A C   1 
ATOM 118 O O   . THR A 1 16  ? 5.079   -8.235  9.961   1.00 0.00 ? 16  THR A O   1 
ATOM 119 C CB  . THR A 1 16  ? 7.674   -9.449  8.682   1.00 0.00 ? 16  THR A CB  1 
ATOM 120 O OG1 . THR A 1 16  ? 9.098   -9.387  8.638   1.00 0.00 ? 16  THR A OG1 1 
ATOM 121 C CG2 . THR A 1 16  ? 7.169   -10.217 7.439   1.00 0.00 ? 16  THR A CG2 1 
ATOM 122 N N   . ILE A 1 17  ? 4.847   -7.774  7.772   1.00 0.00 ? 17  ILE A N   1 
ATOM 123 C CA  . ILE A 1 17  ? 3.448   -7.369  7.800   1.00 0.00 ? 17  ILE A CA  1 
ATOM 124 C C   . ILE A 1 17  ? 2.672   -8.221  6.830   1.00 0.00 ? 17  ILE A C   1 
ATOM 125 O O   . ILE A 1 17  ? 3.247   -8.738  5.888   1.00 0.00 ? 17  ILE A O   1 
ATOM 126 C CB  . ILE A 1 17  ? 3.334   -5.870  7.527   1.00 0.00 ? 17  ILE A CB  1 
ATOM 127 C CG1 . ILE A 1 17  ? 3.752   -5.183  8.842   1.00 0.00 ? 17  ILE A CG1 1 
ATOM 128 C CG2 . ILE A 1 17  ? 1.938   -5.433  7.041   1.00 0.00 ? 17  ILE A CG2 1 
ATOM 129 C CD1 . ILE A 1 17  ? 4.028   -3.692  8.730   1.00 0.00 ? 17  ILE A CD1 1 
ATOM 130 N N   . THR A 1 18  ? 1.357   -8.460  7.089   1.00 0.00 ? 18  THR A N   1 
ATOM 131 C CA  . THR A 1 18  ? 0.424   -9.083  6.176   1.00 0.00 ? 18  THR A CA  1 
ATOM 132 C C   . THR A 1 18  ? -0.817  -8.209  6.069   1.00 0.00 ? 18  THR A C   1 
ATOM 133 O O   . THR A 1 18  ? -1.559  -8.001  7.025   1.00 0.00 ? 18  THR A O   1 
ATOM 134 C CB  . THR A 1 18  ? 0.065   -10.514 6.508   1.00 0.00 ? 18  THR A CB  1 
ATOM 135 O OG1 . THR A 1 18  ? 1.257   -11.279 6.661   1.00 0.00 ? 18  THR A OG1 1 
ATOM 136 C CG2 . THR A 1 18  ? -0.768  -11.114 5.360   1.00 0.00 ? 18  THR A CG2 1 
ATOM 137 N N   . ILE A 1 19  ? -1.018  -7.651  4.863   1.00 0.00 ? 19  ILE A N   1 
ATOM 138 C CA  . ILE A 1 19  ? -2.054  -6.742  4.432   1.00 0.00 ? 19  ILE A CA  1 
ATOM 139 C C   . ILE A 1 19  ? -3.273  -7.549  4.008   1.00 0.00 ? 19  ILE A C   1 
ATOM 140 O O   . ILE A 1 19  ? -3.104  -8.534  3.297   1.00 0.00 ? 19  ILE A O   1 
ATOM 141 C CB  . ILE A 1 19  ? -1.471  -6.003  3.222   1.00 0.00 ? 19  ILE A CB  1 
ATOM 142 C CG1 . ILE A 1 19  ? -0.164  -5.248  3.608   1.00 0.00 ? 19  ILE A CG1 1 
ATOM 143 C CG2 . ILE A 1 19  ? -2.472  -5.109  2.467   1.00 0.00 ? 19  ILE A CG2 1 
ATOM 144 C CD1 . ILE A 1 19  ? 0.194   -4.113  2.645   1.00 0.00 ? 19  ILE A CD1 1 
ATOM 145 N N   . ALA A 1 20  ? -4.525  -7.196  4.441   1.00 0.00 ? 20  ALA A N   1 
ATOM 146 C CA  . ALA A 1 20  ? -5.785  -7.806  3.979   1.00 0.00 ? 20  ALA A CA  1 
ATOM 147 C C   . ALA A 1 20  ? -6.032  -7.556  2.496   1.00 0.00 ? 20  ALA A C   1 
ATOM 148 O O   . ALA A 1 20  ? -5.289  -6.813  1.878   1.00 0.00 ? 20  ALA A O   1 
ATOM 149 C CB  . ALA A 1 20  ? -7.027  -7.348  4.774   1.00 0.00 ? 20  ALA A CB  1 
ATOM 150 N N   . ALA A 1 21  ? -7.075  -8.163  1.864   1.00 0.00 ? 21  ALA A N   1 
ATOM 151 C CA  . ALA A 1 21  ? -7.334  -7.883  0.459   1.00 0.00 ? 21  ALA A CA  1 
ATOM 152 C C   . ALA A 1 21  ? -8.395  -6.830  0.253   1.00 0.00 ? 21  ALA A C   1 
ATOM 153 O O   . ALA A 1 21  ? -8.273  -6.003  -0.646  1.00 0.00 ? 21  ALA A O   1 
ATOM 154 C CB  . ALA A 1 21  ? -7.800  -9.135  -0.301  1.00 0.00 ? 21  ALA A CB  1 
ATOM 155 N N   . ASP A 1 22  ? -9.452  -6.842  1.102   1.00 0.00 ? 22  ASP A N   1 
ATOM 156 C CA  . ASP A 1 22  ? -10.662 -6.054  0.932   1.00 0.00 ? 22  ASP A CA  1 
ATOM 157 C C   . ASP A 1 22  ? -10.453 -4.600  1.265   1.00 0.00 ? 22  ASP A C   1 
ATOM 158 O O   . ASP A 1 22  ? -11.199 -3.728  0.823   1.00 0.00 ? 22  ASP A O   1 
ATOM 159 C CB  . ASP A 1 22  ? -11.859 -6.629  1.743   1.00 0.00 ? 22  ASP A CB  1 
ATOM 160 C CG  . ASP A 1 22  ? -13.199 -6.102  1.213   1.00 0.00 ? 22  ASP A CG  1 
ATOM 161 O OD1 . ASP A 1 22  ? -13.489 -6.334  0.008   1.00 0.00 ? 22  ASP A OD1 1 
ATOM 162 O OD2 . ASP A 1 22  ? -13.942 -5.460  2.001   1.00 0.00 ? 22  ASP A OD2 1 
ATOM 163 N N   . SER A 1 23  ? -9.411  -4.321  2.074   1.00 0.00 ? 23  SER A N   1 
ATOM 164 C CA  . SER A 1 23  ? -9.134  -3.056  2.702   1.00 0.00 ? 23  SER A CA  1 
ATOM 165 C C   . SER A 1 23  ? -8.503  -2.183  1.645   1.00 0.00 ? 23  SER A C   1 
ATOM 166 O O   . SER A 1 23  ? -8.870  -1.021  1.474   1.00 0.00 ? 23  SER A O   1 
ATOM 167 C CB  . SER A 1 23  ? -8.208  -3.253  3.924   1.00 0.00 ? 23  SER A CB  1 
ATOM 168 O OG  . SER A 1 23  ? -8.005  -2.044  4.648   1.00 0.00 ? 23  SER A OG  1 
ATOM 169 N N   . ILE A 1 24  ? -7.514  -2.744  0.924   1.00 0.00 ? 24  ILE A N   1 
ATOM 170 C CA  . ILE A 1 24  ? -6.789  -2.117  -0.154  1.00 0.00 ? 24  ILE A CA  1 
ATOM 171 C C   . ILE A 1 24  ? -7.609  -1.972  -1.415  1.00 0.00 ? 24  ILE A C   1 
ATOM 172 O O   . ILE A 1 24  ? -7.305  -1.142  -2.264  1.00 0.00 ? 24  ILE A O   1 
ATOM 173 C CB  . ILE A 1 24  ? -5.439  -2.720  -0.487  1.00 0.00 ? 24  ILE A CB  1 
ATOM 174 C CG1 . ILE A 1 24  ? -4.886  -3.766  0.514   1.00 0.00 ? 24  ILE A CG1 1 
ATOM 175 C CG2 . ILE A 1 24  ? -4.486  -1.530  -0.729  1.00 0.00 ? 24  ILE A CG2 1 
ATOM 176 C CD1 . ILE A 1 24  ? -4.252  -4.904  -0.288  1.00 0.00 ? 24  ILE A CD1 1 
ATOM 177 N N   . GLU A 1 25  ? -8.673  -2.793  -1.568  1.00 0.00 ? 25  GLU A N   1 
ATOM 178 C CA  . GLU A 1 25  ? -9.564  -2.799  -2.710  1.00 0.00 ? 25  GLU A CA  1 
ATOM 179 C C   . GLU A 1 25  ? -10.485 -1.617  -2.606  1.00 0.00 ? 25  GLU A C   1 
ATOM 180 O O   . GLU A 1 25  ? -10.970 -1.133  -3.623  1.00 0.00 ? 25  GLU A O   1 
ATOM 181 C CB  . GLU A 1 25  ? -10.358 -4.111  -2.888  1.00 0.00 ? 25  GLU A CB  1 
ATOM 182 C CG  . GLU A 1 25  ? -9.516  -5.207  -3.574  1.00 0.00 ? 25  GLU A CG  1 
ATOM 183 C CD  . GLU A 1 25  ? -9.231  -4.833  -5.034  1.00 0.00 ? 25  GLU A CD  1 
ATOM 184 O OE1 . GLU A 1 25  ? -10.210 -4.646  -5.804  1.00 0.00 ? 25  GLU A OE1 1 
ATOM 185 O OE2 . GLU A 1 25  ? -8.028  -4.729  -5.396  1.00 0.00 ? 25  GLU A OE2 1 
ATOM 186 N N   . THR A 1 26  ? -10.750 -1.122  -1.371  1.00 0.00 ? 26  THR A N   1 
ATOM 187 C CA  . THR A 1 26  ? -11.324 0.198   -1.170  1.00 0.00 ? 26  THR A CA  1 
ATOM 188 C C   . THR A 1 26  ? -10.448 1.283   -1.764  1.00 0.00 ? 26  THR A C   1 
ATOM 189 O O   . THR A 1 26  ? -10.966 2.136   -2.466  1.00 0.00 ? 26  THR A O   1 
ATOM 190 C CB  . THR A 1 26  ? -11.536 0.522   0.303   1.00 0.00 ? 26  THR A CB  1 
ATOM 191 O OG1 . THR A 1 26  ? -12.370 -0.469  0.887   1.00 0.00 ? 26  THR A OG1 1 
ATOM 192 C CG2 . THR A 1 26  ? -12.180 1.914   0.508   1.00 0.00 ? 26  THR A CG2 1 
ATOM 193 N N   . ALA A 1 27  ? -9.104  1.284   -1.549  1.00 0.00 ? 27  ALA A N   1 
ATOM 194 C CA  . ALA A 1 27  ? -8.231  2.282   -2.146  1.00 0.00 ? 27  ALA A CA  1 
ATOM 195 C C   . ALA A 1 27  ? -8.261  2.276   -3.664  1.00 0.00 ? 27  ALA A C   1 
ATOM 196 O O   . ALA A 1 27  ? -8.317  3.323   -4.300  1.00 0.00 ? 27  ALA A O   1 
ATOM 197 C CB  . ALA A 1 27  ? -6.767  2.136   -1.690  1.00 0.00 ? 27  ALA A CB  1 
ATOM 198 N N   . VAL A 1 28  ? -8.284  1.072   -4.272  1.00 0.00 ? 28  VAL A N   1 
ATOM 199 C CA  . VAL A 1 28  ? -8.436  0.818   -5.692  1.00 0.00 ? 28  VAL A CA  1 
ATOM 200 C C   . VAL A 1 28  ? -9.697  1.368   -6.253  1.00 0.00 ? 28  VAL A C   1 
ATOM 201 O O   . VAL A 1 28  ? -9.680  2.063   -7.265  1.00 0.00 ? 28  VAL A O   1 
ATOM 202 C CB  . VAL A 1 28  ? -8.323  -0.653  -6.003  1.00 0.00 ? 28  VAL A CB  1 
ATOM 203 C CG1 . VAL A 1 28  ? -8.735  -1.028  -7.445  1.00 0.00 ? 28  VAL A CG1 1 
ATOM 204 C CG2 . VAL A 1 28  ? -6.844  -0.947  -5.774  1.00 0.00 ? 28  VAL A CG2 1 
ATOM 205 N N   . LYS A 1 29  ? -10.832 1.022   -5.616  1.00 0.00 ? 29  LYS A N   1 
ATOM 206 C CA  . LYS A 1 29  ? -12.132 1.490   -5.992  1.00 0.00 ? 29  LYS A CA  1 
ATOM 207 C C   . LYS A 1 29  ? -12.198 2.943   -5.610  1.00 0.00 ? 29  LYS A C   1 
ATOM 208 O O   . LYS A 1 29  ? -11.756 3.754   -6.411  1.00 0.00 ? 29  LYS A O   1 
ATOM 209 C CB  . LYS A 1 29  ? -13.261 0.616   -5.422  1.00 0.00 ? 29  LYS A CB  1 
ATOM 210 C CG  . LYS A 1 29  ? -14.589 0.819   -6.158  1.00 0.00 ? 29  LYS A CG  1 
ATOM 211 C CD  . LYS A 1 29  ? -15.643 -0.214  -5.742  1.00 0.00 ? 29  LYS A CD  1 
ATOM 212 C CE  . LYS A 1 29  ? -17.013 0.413   -5.481  1.00 0.00 ? 29  LYS A CE  1 
ATOM 213 N NZ  . LYS A 1 29  ? -17.950 -0.604  -4.956  1.00 0.00 ? 29  LYS A NZ  1 
ATOM 214 N N   . SER A 1 30  ? -12.676 3.292   -4.388  1.00 0.00 ? 30  SER A N   1 
ATOM 215 C CA  . SER A 1 30  ? -12.710 4.612   -3.767  1.00 0.00 ? 30  SER A CA  1 
ATOM 216 C C   . SER A 1 30  ? -11.537 5.523   -4.126  1.00 0.00 ? 30  SER A C   1 
ATOM 217 O O   . SER A 1 30  ? -11.637 6.187   -5.150  1.00 0.00 ? 30  SER A O   1 
ATOM 218 C CB  . SER A 1 30  ? -12.960 4.535   -2.237  1.00 0.00 ? 30  SER A CB  1 
ATOM 219 O OG  . SER A 1 30  ? -13.421 5.770   -1.701  1.00 0.00 ? 30  SER A OG  1 
ATOM 220 N N   . GLU A 1 31  ? -10.446 5.606   -3.299  1.00 0.00 ? 31  GLU A N   1 
ATOM 221 C CA  . GLU A 1 31  ? -9.245  6.440   -3.465  1.00 0.00 ? 31  GLU A CA  1 
ATOM 222 C C   . GLU A 1 31  ? -8.892  6.851   -4.880  1.00 0.00 ? 31  GLU A C   1 
ATOM 223 O O   . GLU A 1 31  ? -9.134  8.000   -5.225  1.00 0.00 ? 31  GLU A O   1 
ATOM 224 C CB  . GLU A 1 31  ? -8.053  6.146   -2.492  1.00 0.00 ? 31  GLU A CB  1 
ATOM 225 C CG  . GLU A 1 31  ? -6.625  5.840   -3.021  1.00 0.00 ? 31  GLU A CG  1 
ATOM 226 C CD  . GLU A 1 31  ? -5.919  7.057   -3.629  1.00 0.00 ? 31  GLU A CD  1 
ATOM 227 O OE1 . GLU A 1 31  ? -5.831  8.105   -2.937  1.00 0.00 ? 31  GLU A OE1 1 
ATOM 228 O OE2 . GLU A 1 31  ? -5.437  6.941   -4.788  1.00 0.00 ? 31  GLU A OE2 1 
ATOM 229 N N   . LEU A 1 32  ? -8.329  5.930   -5.712  1.00 0.00 ? 32  LEU A N   1 
ATOM 230 C CA  . LEU A 1 32  ? -8.056  6.007   -7.144  1.00 0.00 ? 32  LEU A CA  1 
ATOM 231 C C   . LEU A 1 32  ? -9.083  6.827   -7.893  1.00 0.00 ? 32  LEU A C   1 
ATOM 232 O O   . LEU A 1 32  ? -8.839  8.004   -8.141  1.00 0.00 ? 32  LEU A O   1 
ATOM 233 C CB  . LEU A 1 32  ? -7.781  4.625   -7.783  1.00 0.00 ? 32  LEU A CB  1 
ATOM 234 C CG  . LEU A 1 32  ? -6.892  4.631   -9.054  1.00 0.00 ? 32  LEU A CG  1 
ATOM 235 C CD1 . LEU A 1 32  ? -6.231  3.251   -9.249  1.00 0.00 ? 32  LEU A CD1 1 
ATOM 236 C CD2 . LEU A 1 32  ? -7.633  5.068   -10.334 1.00 0.00 ? 32  LEU A CD2 1 
ATOM 237 N N   . VAL A 1 33  ? -10.230 6.204   -8.288  1.00 0.00 ? 33  VAL A N   1 
ATOM 238 C CA  . VAL A 1 33  ? -11.460 6.802   -8.805  1.00 0.00 ? 33  VAL A CA  1 
ATOM 239 C C   . VAL A 1 33  ? -11.685 8.219   -8.303  1.00 0.00 ? 33  VAL A C   1 
ATOM 240 O O   . VAL A 1 33  ? -11.516 9.133   -9.098  1.00 0.00 ? 33  VAL A O   1 
ATOM 241 C CB  . VAL A 1 33  ? -12.655 5.862   -8.640  1.00 0.00 ? 33  VAL A CB  1 
ATOM 242 C CG1 . VAL A 1 33  ? -14.033 6.550   -8.575  1.00 0.00 ? 33  VAL A CG1 1 
ATOM 243 C CG2 . VAL A 1 33  ? -12.573 4.793   -9.756  1.00 0.00 ? 33  VAL A CG2 1 
ATOM 244 N N   . ASN A 1 34  ? -12.046 8.435   -7.010  1.00 0.00 ? 34  ASN A N   1 
ATOM 245 C CA  . ASN A 1 34  ? -12.098 9.705   -6.288  1.00 0.00 ? 34  ASN A CA  1 
ATOM 246 C C   . ASN A 1 34  ? -11.055 10.724  -6.751  1.00 0.00 ? 34  ASN A C   1 
ATOM 247 O O   . ASN A 1 34  ? -11.422 11.641  -7.484  1.00 0.00 ? 34  ASN A O   1 
ATOM 248 C CB  . ASN A 1 34  ? -12.147 9.439   -4.738  1.00 0.00 ? 34  ASN A CB  1 
ATOM 249 C CG  . ASN A 1 34  ? -11.651 10.540  -3.777  1.00 0.00 ? 34  ASN A CG  1 
ATOM 250 O OD1 . ASN A 1 34  ? -10.495 10.484  -3.340  1.00 0.00 ? 34  ASN A OD1 1 
ATOM 251 N ND2 . ASN A 1 34  ? -12.534 11.519  -3.421  1.00 0.00 ? 34  ASN A ND2 1 
ATOM 252 N N   . VAL A 1 35  ? -9.757  10.589  -6.363  1.00 0.00 ? 35  VAL A N   1 
ATOM 253 C CA  . VAL A 1 35  ? -8.693  11.550  -6.612  1.00 0.00 ? 35  VAL A CA  1 
ATOM 254 C C   . VAL A 1 35  ? -8.517  11.891  -8.082  1.00 0.00 ? 35  VAL A C   1 
ATOM 255 O O   . VAL A 1 35  ? -8.372  13.065  -8.421  1.00 0.00 ? 35  VAL A O   1 
ATOM 256 C CB  . VAL A 1 35  ? -7.385  11.207  -5.893  1.00 0.00 ? 35  VAL A CB  1 
ATOM 257 C CG1 . VAL A 1 35  ? -6.679  9.962   -6.468  1.00 0.00 ? 35  VAL A CG1 1 
ATOM 258 C CG2 . VAL A 1 35  ? -6.451  12.438  -5.859  1.00 0.00 ? 35  VAL A CG2 1 
ATOM 259 N N   . ALA A 1 36  ? -8.580  10.874  -8.983  1.00 0.00 ? 36  ALA A N   1 
ATOM 260 C CA  . ALA A 1 36  ? -8.706  10.995  -10.426 1.00 0.00 ? 36  ALA A CA  1 
ATOM 261 C C   . ALA A 1 36  ? -9.822  11.938  -10.835 1.00 0.00 ? 36  ALA A C   1 
ATOM 262 O O   . ALA A 1 36  ? -9.542  13.071  -11.228 1.00 0.00 ? 36  ALA A O   1 
ATOM 263 C CB  . ALA A 1 36  ? -8.836  9.629   -11.138 1.00 0.00 ? 36  ALA A CB  1 
ATOM 264 N N   . LYS A 1 37  ? -11.097 11.464  -10.724 1.00 0.00 ? 37  LYS A N   1 
ATOM 265 C CA  . LYS A 1 37  ? -12.383 12.125  -10.927 1.00 0.00 ? 37  LYS A CA  1 
ATOM 266 C C   . LYS A 1 37  ? -12.388 13.642  -10.833 1.00 0.00 ? 37  LYS A C   1 
ATOM 267 O O   . LYS A 1 37  ? -12.087 14.235  -11.866 1.00 0.00 ? 37  LYS A O   1 
ATOM 268 C CB  . LYS A 1 37  ? -13.657 11.312  -10.525 1.00 0.00 ? 37  LYS A CB  1 
ATOM 269 C CG  . LYS A 1 37  ? -14.636 11.881  -9.484  1.00 0.00 ? 37  LYS A CG  1 
ATOM 270 C CD  . LYS A 1 37  ? -15.909 11.035  -9.328  1.00 0.00 ? 37  LYS A CD  1 
ATOM 271 C CE  . LYS A 1 37  ? -15.716 9.788   -8.459  1.00 0.00 ? 37  LYS A CE  1 
ATOM 272 N NZ  . LYS A 1 37  ? -15.755 10.139  -7.021  1.00 0.00 ? 37  LYS A NZ  1 
ATOM 273 N N   . LYS A 1 38  ? -12.562 14.233  -9.629  1.00 0.00 ? 38  LYS A N   1 
ATOM 274 C CA  . LYS A 1 38  ? -12.477 15.654  -9.427  1.00 0.00 ? 38  LYS A CA  1 
ATOM 275 C C   . LYS A 1 38  ? -11.120 15.968  -8.865  1.00 0.00 ? 38  LYS A C   1 
ATOM 276 O O   . LYS A 1 38  ? -10.625 15.266  -7.984  1.00 0.00 ? 38  LYS A O   1 
ATOM 277 C CB  . LYS A 1 38  ? -13.596 16.259  -8.531  1.00 0.00 ? 38  LYS A CB  1 
ATOM 278 C CG  . LYS A 1 38  ? -13.635 15.869  -7.036  1.00 0.00 ? 38  LYS A CG  1 
ATOM 279 C CD  . LYS A 1 38  ? -14.033 14.412  -6.739  1.00 0.00 ? 38  LYS A CD  1 
ATOM 280 C CE  . LYS A 1 38  ? -14.163 14.089  -5.243  1.00 0.00 ? 38  LYS A CE  1 
ATOM 281 N NZ  . LYS A 1 38  ? -15.246 14.876  -4.607  1.00 0.00 ? 38  LYS A NZ  1 
ATOM 282 N N   . VAL A 1 39  ? -10.525 17.053  -9.414  1.00 0.00 ? 39  VAL A N   1 
ATOM 283 C CA  . VAL A 1 39  ? -9.288  17.708  -9.045  1.00 0.00 ? 39  VAL A CA  1 
ATOM 284 C C   . VAL A 1 39  ? -8.918  18.495  -10.275 1.00 0.00 ? 39  VAL A C   1 
ATOM 285 O O   . VAL A 1 39  ? -8.437  19.622  -10.167 1.00 0.00 ? 39  VAL A O   1 
ATOM 286 C CB  . VAL A 1 39  ? -8.107  16.825  -8.597  1.00 0.00 ? 39  VAL A CB  1 
ATOM 287 C CG1 . VAL A 1 39  ? -7.630  15.847  -9.694  1.00 0.00 ? 39  VAL A CG1 1 
ATOM 288 C CG2 . VAL A 1 39  ? -6.955  17.712  -8.071  1.00 0.00 ? 39  VAL A CG2 1 
ATOM 289 N N   . ARG A 1 40  ? -9.217  17.927  -11.471 1.00 0.00 ? 40  ARG A N   1 
ATOM 290 C CA  . ARG A 1 40  ? -8.985  18.523  -12.756 1.00 0.00 ? 40  ARG A CA  1 
ATOM 291 C C   . ARG A 1 40  ? -9.451  17.472  -13.725 1.00 0.00 ? 40  ARG A C   1 
ATOM 292 O O   . ARG A 1 40  ? -10.609 17.498  -14.144 1.00 0.00 ? 40  ARG A O   1 
ATOM 293 C CB  . ARG A 1 40  ? -7.505  18.929  -13.040 1.00 0.00 ? 40  ARG A CB  1 
ATOM 294 C CG  . ARG A 1 40  ? -7.172  19.506  -14.438 1.00 0.00 ? 40  ARG A CG  1 
ATOM 295 C CD  . ARG A 1 40  ? -7.946  20.773  -14.848 1.00 0.00 ? 40  ARG A CD  1 
ATOM 296 N NE  . ARG A 1 40  ? -9.299  20.390  -15.368 1.00 0.00 ? 40  ARG A NE  1 
ATOM 297 C CZ  . ARG A 1 40  ? -10.260 21.307  -15.691 1.00 0.00 ? 40  ARG A CZ  1 
ATOM 298 N NH1 . ARG A 1 40  ? -10.026 22.645  -15.565 1.00 0.00 ? 40  ARG A NH1 1 
ATOM 299 N NH2 . ARG A 1 40  ? -11.471 20.873  -16.147 1.00 0.00 ? 40  ARG A NH2 1 
ATOM 300 N N   . ILE A 1 41  ? -8.542  16.527  -14.095 1.00 0.00 ? 41  ILE A N   1 
ATOM 301 C CA  . ILE A 1 41  ? -8.630  15.526  -15.148 1.00 0.00 ? 41  ILE A CA  1 
ATOM 302 C C   . ILE A 1 41  ? -9.118  16.097  -16.473 1.00 0.00 ? 41  ILE A C   1 
ATOM 303 O O   . ILE A 1 41  ? -9.110  17.317  -16.634 1.00 0.00 ? 41  ILE A O   1 
ATOM 304 C CB  . ILE A 1 41  ? -9.210  14.195  -14.667 1.00 0.00 ? 41  ILE A CB  1 
ATOM 305 C CG1 . ILE A 1 41  ? -8.546  12.978  -15.362 1.00 0.00 ? 41  ILE A CG1 1 
ATOM 306 C CG2 . ILE A 1 41  ? -10.754 14.154  -14.706 1.00 0.00 ? 41  ILE A CG2 1 
ATOM 307 C CD1 . ILE A 1 41  ? -8.531  11.736  -14.469 1.00 0.00 ? 41  ILE A CD1 1 
ATOM 308 N N   . ASP A 1 42  ? -9.368  15.230  -17.480 1.00 0.00 ? 42  ASP A N   1 
ATOM 309 C CA  . ASP A 1 42  ? -9.278  15.601  -18.872 1.00 0.00 ? 42  ASP A CA  1 
ATOM 310 C C   . ASP A 1 42  ? -10.637 15.399  -19.471 1.00 0.00 ? 42  ASP A C   1 
ATOM 311 O O   . ASP A 1 42  ? -11.643 15.743  -18.853 1.00 0.00 ? 42  ASP A O   1 
ATOM 312 C CB  . ASP A 1 42  ? -8.210  14.758  -19.623 1.00 0.00 ? 42  ASP A CB  1 
ATOM 313 C CG  . ASP A 1 42  ? -6.843  14.948  -18.960 1.00 0.00 ? 42  ASP A CG  1 
ATOM 314 O OD1 . ASP A 1 42  ? -6.339  16.103  -18.964 1.00 0.00 ? 42  ASP A OD1 1 
ATOM 315 O OD2 . ASP A 1 42  ? -6.290  13.943  -18.440 1.00 0.00 ? 42  ASP A OD2 1 
ATOM 316 N N   . GLY A 1 43  ? -10.688 14.858  -20.714 1.00 0.00 ? 43  GLY A N   1 
ATOM 317 C CA  . GLY A 1 43  ? -11.900 14.640  -21.460 1.00 0.00 ? 43  GLY A CA  1 
ATOM 318 C C   . GLY A 1 43  ? -12.522 13.339  -21.059 1.00 0.00 ? 43  GLY A C   1 
ATOM 319 O O   . GLY A 1 43  ? -12.445 12.351  -21.788 1.00 0.00 ? 43  GLY A O   1 
ATOM 320 N N   . PHE A 1 44  ? -13.191 13.349  -19.886 1.00 0.00 ? 44  PHE A N   1 
ATOM 321 C CA  . PHE A 1 44  ? -14.017 12.282  -19.394 1.00 0.00 ? 44  PHE A CA  1 
ATOM 322 C C   . PHE A 1 44  ? -15.364 12.924  -19.354 1.00 0.00 ? 44  PHE A C   1 
ATOM 323 O O   . PHE A 1 44  ? -15.493 14.101  -19.017 1.00 0.00 ? 44  PHE A O   1 
ATOM 324 C CB  . PHE A 1 44  ? -13.687 11.806  -17.953 1.00 0.00 ? 44  PHE A CB  1 
ATOM 325 C CG  . PHE A 1 44  ? -12.421 10.989  -17.819 1.00 0.00 ? 44  PHE A CG  1 
ATOM 326 C CD1 . PHE A 1 44  ? -11.730 10.402  -18.901 1.00 0.00 ? 44  PHE A CD1 1 
ATOM 327 C CD2 . PHE A 1 44  ? -11.948 10.745  -16.517 1.00 0.00 ? 44  PHE A CD2 1 
ATOM 328 C CE1 . PHE A 1 44  ? -10.598 9.606   -18.681 1.00 0.00 ? 44  PHE A CE1 1 
ATOM 329 C CE2 . PHE A 1 44  ? -10.830 9.932   -16.295 1.00 0.00 ? 44  PHE A CE2 1 
ATOM 330 C CZ  . PHE A 1 44  ? -10.149 9.370   -17.379 1.00 0.00 ? 44  PHE A CZ  1 
ATOM 331 N N   . ARG A 1 45  ? -16.404 12.156  -19.744 1.00 0.00 ? 45  ARG A N   1 
ATOM 332 C CA  . ARG A 1 45  ? -17.730 12.677  -19.941 1.00 0.00 ? 45  ARG A CA  1 
ATOM 333 C C   . ARG A 1 45  ? -18.451 12.612  -18.626 1.00 0.00 ? 45  ARG A C   1 
ATOM 334 O O   . ARG A 1 45  ? -18.365 13.544  -17.826 1.00 0.00 ? 45  ARG A O   1 
ATOM 335 C CB  . ARG A 1 45  ? -18.500 11.914  -21.050 1.00 0.00 ? 45  ARG A CB  1 
ATOM 336 C CG  . ARG A 1 45  ? -17.803 11.946  -22.426 1.00 0.00 ? 45  ARG A CG  1 
ATOM 337 C CD  . ARG A 1 45  ? -17.601 13.356  -23.000 1.00 0.00 ? 45  ARG A CD  1 
ATOM 338 N NE  . ARG A 1 45  ? -16.936 13.237  -24.338 1.00 0.00 ? 45  ARG A NE  1 
ATOM 339 C CZ  . ARG A 1 45  ? -16.503 14.327  -25.043 1.00 0.00 ? 45  ARG A CZ  1 
ATOM 340 N NH1 . ARG A 1 45  ? -16.667 15.590  -24.556 1.00 0.00 ? 45  ARG A NH1 1 
ATOM 341 N NH2 . ARG A 1 45  ? -15.897 14.145  -26.253 1.00 0.00 ? 45  ARG A NH2 1 
ATOM 342 N N   . LYS A 1 46  ? -19.188 11.507  -18.378 1.00 0.00 ? 46  LYS A N   1 
ATOM 343 C CA  . LYS A 1 46  ? -20.082 11.382  -17.250 1.00 0.00 ? 46  LYS A CA  1 
ATOM 344 C C   . LYS A 1 46  ? -19.301 10.932  -16.041 1.00 0.00 ? 46  LYS A C   1 
ATOM 345 O O   . LYS A 1 46  ? -18.723 11.772  -15.352 1.00 0.00 ? 46  LYS A O   1 
ATOM 346 C CB  . LYS A 1 46  ? -21.347 10.517  -17.554 1.00 0.00 ? 46  LYS A CB  1 
ATOM 347 C CG  . LYS A 1 46  ? -21.209 9.366   -18.581 1.00 0.00 ? 46  LYS A CG  1 
ATOM 348 C CD  . LYS A 1 46  ? -21.046 7.948   -18.005 1.00 0.00 ? 46  LYS A CD  1 
ATOM 349 C CE  . LYS A 1 46  ? -20.630 6.926   -19.072 1.00 0.00 ? 46  LYS A CE  1 
ATOM 350 N NZ  . LYS A 1 46  ? -20.518 5.568   -18.493 1.00 0.00 ? 46  LYS A NZ  1 
ATOM 351 N N   . GLY A 1 47  ? -19.276 9.616   -15.736 1.00 0.00 ? 47  GLY A N   1 
ATOM 352 C CA  . GLY A 1 47  ? -18.458 9.007   -14.716 1.00 0.00 ? 47  GLY A CA  1 
ATOM 353 C C   . GLY A 1 47  ? -16.991 9.334   -14.802 1.00 0.00 ? 47  GLY A C   1 
ATOM 354 O O   . GLY A 1 47  ? -16.548 10.343  -14.253 1.00 0.00 ? 47  GLY A O   1 
ATOM 355 N N   . LYS A 1 48  ? -16.210 8.461   -15.489 1.00 0.00 ? 48  LYS A N   1 
ATOM 356 C CA  . LYS A 1 48  ? -14.773 8.590   -15.516 1.00 0.00 ? 48  LYS A CA  1 
ATOM 357 C C   . LYS A 1 48  ? -14.132 7.535   -16.380 1.00 0.00 ? 48  LYS A C   1 
ATOM 358 O O   . LYS A 1 48  ? -12.909 7.438   -16.369 1.00 0.00 ? 48  LYS A O   1 
ATOM 359 C CB  . LYS A 1 48  ? -14.155 8.436   -14.096 1.00 0.00 ? 48  LYS A CB  1 
ATOM 360 C CG  . LYS A 1 48  ? -14.591 7.159   -13.354 1.00 0.00 ? 48  LYS A CG  1 
ATOM 361 C CD  . LYS A 1 48  ? -14.830 7.381   -11.855 1.00 0.00 ? 48  LYS A CD  1 
ATOM 362 C CE  . LYS A 1 48  ? -16.286 7.206   -11.384 1.00 0.00 ? 48  LYS A CE  1 
ATOM 363 N NZ  . LYS A 1 48  ? -17.110 8.411   -11.636 1.00 0.00 ? 48  LYS A NZ  1 
ATOM 364 N N   . VAL A 1 49  ? -14.928 6.715   -17.118 1.00 0.00 ? 49  VAL A N   1 
ATOM 365 C CA  . VAL A 1 49  ? -14.491 5.669   -18.039 1.00 0.00 ? 49  VAL A CA  1 
ATOM 366 C C   . VAL A 1 49  ? -14.641 4.376   -17.268 1.00 0.00 ? 49  VAL A C   1 
ATOM 367 O O   . VAL A 1 49  ? -13.799 4.180   -16.392 1.00 0.00 ? 49  VAL A O   1 
ATOM 368 C CB  . VAL A 1 49  ? -13.130 5.753   -18.745 1.00 0.00 ? 49  VAL A CB  1 
ATOM 369 C CG1 . VAL A 1 49  ? -12.857 4.460   -19.553 1.00 0.00 ? 49  VAL A CG1 1 
ATOM 370 C CG2 . VAL A 1 49  ? -13.129 6.988   -19.670 1.00 0.00 ? 49  VAL A CG2 1 
ATOM 371 N N   . PRO A 1 50  ? -15.622 3.499   -17.497 1.00 0.00 ? 50  PRO A N   1 
ATOM 372 C CA  . PRO A 1 50  ? -15.584 2.112   -17.054 1.00 0.00 ? 50  PRO A CA  1 
ATOM 373 C C   . PRO A 1 50  ? -14.675 1.350   -17.988 1.00 0.00 ? 50  PRO A C   1 
ATOM 374 O O   . PRO A 1 50  ? -14.421 1.841   -19.085 1.00 0.00 ? 50  PRO A O   1 
ATOM 375 C CB  . PRO A 1 50  ? -17.039 1.640   -17.187 1.00 0.00 ? 50  PRO A CB  1 
ATOM 376 C CG  . PRO A 1 50  ? -17.633 2.501   -18.308 1.00 0.00 ? 50  PRO A CG  1 
ATOM 377 C CD  . PRO A 1 50  ? -16.879 3.827   -18.178 1.00 0.00 ? 50  PRO A CD  1 
ATOM 378 N N   . MET A 1 51  ? -14.165 0.161   -17.570 1.00 0.00 ? 51  MET A N   1 
ATOM 379 C CA  . MET A 1 51  ? -13.094 -0.569  -18.231 1.00 0.00 ? 51  MET A CA  1 
ATOM 380 C C   . MET A 1 51  ? -13.418 -0.872  -19.676 1.00 0.00 ? 51  MET A C   1 
ATOM 381 O O   . MET A 1 51  ? -12.592 -0.635  -20.555 1.00 0.00 ? 51  MET A O   1 
ATOM 382 C CB  . MET A 1 51  ? -12.782 -1.905  -17.512 1.00 0.00 ? 51  MET A CB  1 
ATOM 383 C CG  . MET A 1 51  ? -12.404 -1.720  -16.028 1.00 0.00 ? 51  MET A CG  1 
ATOM 384 S SD  . MET A 1 51  ? -12.118 -3.275  -15.120 1.00 0.00 ? 51  MET A SD  1 
ATOM 385 C CE  . MET A 1 51  ? -10.487 -3.666  -15.813 1.00 0.00 ? 51  MET A CE  1 
ATOM 386 N N   . ASN A 1 52  ? -14.681 -1.308  -19.918 1.00 0.00 ? 52  ASN A N   1 
ATOM 387 C CA  . ASN A 1 52  ? -15.392 -1.290  -21.178 1.00 0.00 ? 52  ASN A CA  1 
ATOM 388 C C   . ASN A 1 52  ? -14.605 -1.765  -22.388 1.00 0.00 ? 52  ASN A C   1 
ATOM 389 O O   . ASN A 1 52  ? -13.963 -2.813  -22.342 1.00 0.00 ? 52  ASN A O   1 
ATOM 390 C CB  . ASN A 1 52  ? -16.098 0.086   -21.384 1.00 0.00 ? 52  ASN A CB  1 
ATOM 391 C CG  . ASN A 1 52  ? -17.332 0.015   -22.304 1.00 0.00 ? 52  ASN A CG  1 
ATOM 392 O OD1 . ASN A 1 52  ? -18.111 -0.945  -22.250 1.00 0.00 ? 52  ASN A OD1 1 
ATOM 393 N ND2 . ASN A 1 52  ? -17.503 1.072   -23.154 1.00 0.00 ? 52  ASN A ND2 1 
ATOM 394 N N   . ILE A 1 53  ? -14.710 -1.024  -23.518 1.00 0.00 ? 53  ILE A N   1 
ATOM 395 C CA  . ILE A 1 53  ? -14.479 -1.532  -24.846 1.00 0.00 ? 53  ILE A CA  1 
ATOM 396 C C   . ILE A 1 53  ? -13.246 -0.882  -25.440 1.00 0.00 ? 53  ILE A C   1 
ATOM 397 O O   . ILE A 1 53  ? -12.966 -1.045  -26.626 1.00 0.00 ? 53  ILE A O   1 
ATOM 398 C CB  . ILE A 1 53  ? -15.757 -1.337  -25.679 1.00 0.00 ? 53  ILE A CB  1 
ATOM 399 C CG1 . ILE A 1 53  ? -16.083 -2.509  -26.649 1.00 0.00 ? 53  ILE A CG1 1 
ATOM 400 C CG2 . ILE A 1 53  ? -15.861 0.075   -26.304 1.00 0.00 ? 53  ILE A CG2 1 
ATOM 401 C CD1 . ILE A 1 53  ? -15.168 -2.695  -27.862 1.00 0.00 ? 53  ILE A CD1 1 
ATOM 402 N N   . VAL A 1 54  ? -12.413 -0.162  -24.631 1.00 0.00 ? 54  VAL A N   1 
ATOM 403 C CA  . VAL A 1 54  ? -11.125 0.291   -25.110 1.00 0.00 ? 54  VAL A CA  1 
ATOM 404 C C   . VAL A 1 54  ? -10.193 -0.889  -25.085 1.00 0.00 ? 54  VAL A C   1 
ATOM 405 O O   . VAL A 1 54  ? -9.280  -0.954  -25.908 1.00 0.00 ? 54  VAL A O   1 
ATOM 406 C CB  . VAL A 1 54  ? -10.602 1.496   -24.309 1.00 0.00 ? 54  VAL A CB  1 
ATOM 407 C CG1 . VAL A 1 54  ? -9.340  1.228   -23.449 1.00 0.00 ? 54  VAL A CG1 1 
ATOM 408 C CG2 . VAL A 1 54  ? -10.383 2.655   -25.303 1.00 0.00 ? 54  VAL A CG2 1 
ATOM 409 N N   . ALA A 1 55  ? -10.474 -1.835  -24.156 1.00 0.00 ? 55  ALA A N   1 
ATOM 410 C CA  . ALA A 1 55  ? -9.869  -3.126  -23.964 1.00 0.00 ? 55  ALA A CA  1 
ATOM 411 C C   . ALA A 1 55  ? -9.576  -3.193  -22.502 1.00 0.00 ? 55  ALA A C   1 
ATOM 412 O O   . ALA A 1 55  ? -10.118 -2.439  -21.693 1.00 0.00 ? 55  ALA A O   1 
ATOM 413 C CB  . ALA A 1 55  ? -8.604  -3.498  -24.782 1.00 0.00 ? 55  ALA A CB  1 
ATOM 414 N N   . GLN A 1 56  ? -8.684  -4.132  -22.156 1.00 0.00 ? 56  GLN A N   1 
ATOM 415 C CA  . GLN A 1 56  ? -8.196  -4.387  -20.842 1.00 0.00 ? 56  GLN A CA  1 
ATOM 416 C C   . GLN A 1 56  ? -6.721  -4.132  -20.916 1.00 0.00 ? 56  GLN A C   1 
ATOM 417 O O   . GLN A 1 56  ? -5.986  -4.597  -20.061 1.00 0.00 ? 56  GLN A O   1 
ATOM 418 C CB  . GLN A 1 56  ? -8.535  -5.764  -20.207 1.00 0.00 ? 56  GLN A CB  1 
ATOM 419 C CG  . GLN A 1 56  ? -7.850  -7.007  -20.819 1.00 0.00 ? 56  GLN A CG  1 
ATOM 420 C CD  . GLN A 1 56  ? -7.136  -7.839  -19.737 1.00 0.00 ? 56  GLN A CD  1 
ATOM 421 O OE1 . GLN A 1 56  ? -6.578  -7.302  -18.772 1.00 0.00 ? 56  GLN A OE1 1 
ATOM 422 N NE2 . GLN A 1 56  ? -7.140  -9.194  -19.923 1.00 0.00 ? 56  GLN A NE2 1 
ATOM 423 N N   . ARG A 1 57  ? -6.185  -3.476  -21.981 1.00 0.00 ? 57  ARG A N   1 
ATOM 424 C CA  . ARG A 1 57  ? -4.907  -2.781  -21.877 1.00 0.00 ? 57  ARG A CA  1 
ATOM 425 C C   . ARG A 1 57  ? -4.814  -1.835  -20.691 1.00 0.00 ? 57  ARG A C   1 
ATOM 426 O O   . ARG A 1 57  ? -3.891  -1.924  -19.888 1.00 0.00 ? 57  ARG A O   1 
ATOM 427 C CB  . ARG A 1 57  ? -4.412  -2.045  -23.134 1.00 0.00 ? 57  ARG A CB  1 
ATOM 428 C CG  . ARG A 1 57  ? -2.879  -1.864  -23.083 1.00 0.00 ? 57  ARG A CG  1 
ATOM 429 C CD  . ARG A 1 57  ? -2.326  -0.771  -23.999 1.00 0.00 ? 57  ARG A CD  1 
ATOM 430 N NE  . ARG A 1 57  ? -2.580  -1.164  -25.420 1.00 0.00 ? 57  ARG A NE  1 
ATOM 431 C CZ  . ARG A 1 57  ? -2.596  -0.255  -26.441 1.00 0.00 ? 57  ARG A CZ  1 
ATOM 432 N NH1 . ARG A 1 57  ? -2.414  1.076   -26.202 1.00 0.00 ? 57  ARG A NH1 1 
ATOM 433 N NH2 . ARG A 1 57  ? -2.796  -0.692  -27.718 1.00 0.00 ? 57  ARG A NH2 1 
ATOM 434 N N   . TYR A 1 58  ? -5.792  -0.943  -20.577 1.00 0.00 ? 58  TYR A N   1 
ATOM 435 C CA  . TYR A 1 58  ? -5.902  -0.087  -19.407 1.00 0.00 ? 58  TYR A CA  1 
ATOM 436 C C   . TYR A 1 58  ? -6.089  -0.978  -18.186 1.00 0.00 ? 58  TYR A C   1 
ATOM 437 O O   . TYR A 1 58  ? -5.808  -0.576  -17.057 1.00 0.00 ? 58  TYR A O   1 
ATOM 438 C CB  . TYR A 1 58  ? -7.082  0.874   -19.549 1.00 0.00 ? 58  TYR A CB  1 
ATOM 439 C CG  . TYR A 1 58  ? -6.683  2.331   -19.591 1.00 0.00 ? 58  TYR A CG  1 
ATOM 440 C CD1 . TYR A 1 58  ? -5.542  2.740   -20.268 1.00 0.00 ? 58  TYR A CD1 1 
ATOM 441 C CD2 . TYR A 1 58  ? -7.449  3.300   -18.955 1.00 0.00 ? 58  TYR A CD2 1 
ATOM 442 C CE1 . TYR A 1 58  ? -5.172  4.071   -20.310 1.00 0.00 ? 58  TYR A CE1 1 
ATOM 443 C CE2 . TYR A 1 58  ? -7.087  4.634   -18.991 1.00 0.00 ? 58  TYR A CE2 1 
ATOM 444 C CZ  . TYR A 1 58  ? -5.949  5.013   -19.669 1.00 0.00 ? 58  TYR A CZ  1 
ATOM 445 O OH  . TYR A 1 58  ? -5.586  6.340   -19.708 1.00 0.00 ? 58  TYR A OH  1 
ATOM 446 N N   . GLY A 1 59  ? -6.563  -2.197  -18.430 1.00 0.00 ? 59  GLY A N   1 
ATOM 447 C CA  . GLY A 1 59  ? -6.727  -3.183  -17.379 1.00 0.00 ? 59  GLY A CA  1 
ATOM 448 C C   . GLY A 1 59  ? -5.381  -3.604  -16.827 1.00 0.00 ? 59  GLY A C   1 
ATOM 449 O O   . GLY A 1 59  ? -5.170  -3.607  -15.615 1.00 0.00 ? 59  GLY A O   1 
ATOM 450 N N   . ALA A 1 60  ? -4.462  -3.953  -17.724 1.00 0.00 ? 60  ALA A N   1 
ATOM 451 C CA  . ALA A 1 60  ? -3.099  -4.283  -17.327 1.00 0.00 ? 60  ALA A CA  1 
ATOM 452 C C   . ALA A 1 60  ? -2.588  -3.183  -16.409 1.00 0.00 ? 60  ALA A C   1 
ATOM 453 O O   . ALA A 1 60  ? -1.871  -3.440  -15.443 1.00 0.00 ? 60  ALA A O   1 
ATOM 454 C CB  . ALA A 1 60  ? -2.206  -4.422  -18.548 1.00 0.00 ? 60  ALA A CB  1 
ATOM 455 N N   . SER A 1 61  ? -2.978  -1.952  -16.723 1.00 0.00 ? 61  SER A N   1 
ATOM 456 C CA  . SER A 1 61  ? -2.698  -0.812  -15.870 1.00 0.00 ? 61  SER A CA  1 
ATOM 457 C C   . SER A 1 61  ? -3.567  -0.709  -14.634 1.00 0.00 ? 61  SER A C   1 
ATOM 458 O O   . SER A 1 61  ? -3.092  -0.184  -13.637 1.00 0.00 ? 61  SER A O   1 
ATOM 459 C CB  . SER A 1 61  ? -2.748  0.554   -16.587 1.00 0.00 ? 61  SER A CB  1 
ATOM 460 O OG  . SER A 1 61  ? -1.837  0.581   -17.674 1.00 0.00 ? 61  SER A OG  1 
ATOM 461 N N   . VAL A 1 62  ? -4.848  -1.178  -14.625 1.00 0.00 ? 62  VAL A N   1 
ATOM 462 C CA  . VAL A 1 62  ? -5.644  -1.288  -13.413 1.00 0.00 ? 62  VAL A CA  1 
ATOM 463 C C   . VAL A 1 62  ? -4.932  -2.319  -12.597 1.00 0.00 ? 62  VAL A C   1 
ATOM 464 O O   . VAL A 1 62  ? -4.380  -1.957  -11.589 1.00 0.00 ? 62  VAL A O   1 
ATOM 465 C CB  . VAL A 1 62  ? -7.128  -1.652  -13.554 1.00 0.00 ? 62  VAL A CB  1 
ATOM 466 C CG1 . VAL A 1 62  ? -7.761  -1.965  -12.173 1.00 0.00 ? 62  VAL A CG1 1 
ATOM 467 C CG2 . VAL A 1 62  ? -7.879  -0.484  -14.222 1.00 0.00 ? 62  VAL A CG2 1 
ATOM 468 N N   . ARG A 1 63  ? -4.783  -3.567  -13.083 1.00 0.00 ? 63  ARG A N   1 
ATOM 469 C CA  . ARG A 1 63  ? -4.332  -4.742  -12.380 1.00 0.00 ? 63  ARG A CA  1 
ATOM 470 C C   . ARG A 1 63  ? -2.914  -4.579  -11.854 1.00 0.00 ? 63  ARG A C   1 
ATOM 471 O O   . ARG A 1 63  ? -2.636  -5.019  -10.743 1.00 0.00 ? 63  ARG A O   1 
ATOM 472 C CB  . ARG A 1 63  ? -4.448  -5.948  -13.354 1.00 0.00 ? 63  ARG A CB  1 
ATOM 473 C CG  . ARG A 1 63  ? -4.615  -7.327  -12.700 1.00 0.00 ? 63  ARG A CG  1 
ATOM 474 C CD  . ARG A 1 63  ? -5.451  -8.312  -13.543 1.00 0.00 ? 63  ARG A CD  1 
ATOM 475 N NE  . ARG A 1 63  ? -6.886  -7.838  -13.572 1.00 0.00 ? 63  ARG A NE  1 
ATOM 476 C CZ  . ARG A 1 63  ? -7.963  -8.662  -13.387 1.00 0.00 ? 63  ARG A CZ  1 
ATOM 477 N NH1 . ARG A 1 63  ? -7.811  -10.012 -13.269 1.00 0.00 ? 63  ARG A NH1 1 
ATOM 478 N NH2 . ARG A 1 63  ? -9.218  -8.125  -13.313 1.00 0.00 ? 63  ARG A NH2 1 
ATOM 479 N N   . GLN A 1 64  ? -2.016  -3.939  -12.642 1.00 0.00 ? 64  GLN A N   1 
ATOM 480 C CA  . GLN A 1 64  ? -0.633  -3.586  -12.389 1.00 0.00 ? 64  GLN A CA  1 
ATOM 481 C C   . GLN A 1 64  ? -0.451  -2.413  -11.455 1.00 0.00 ? 64  GLN A C   1 
ATOM 482 O O   . GLN A 1 64  ? 0.351   -2.483  -10.530 1.00 0.00 ? 64  GLN A O   1 
ATOM 483 C CB  . GLN A 1 64  ? 0.200   -3.402  -13.674 1.00 0.00 ? 64  GLN A CB  1 
ATOM 484 C CG  . GLN A 1 64  ? 1.716   -3.402  -13.394 1.00 0.00 ? 64  GLN A CG  1 
ATOM 485 C CD  . GLN A 1 64  ? 2.487   -3.436  -14.717 1.00 0.00 ? 64  GLN A CD  1 
ATOM 486 O OE1 . GLN A 1 64  ? 2.284   -2.580  -15.586 1.00 0.00 ? 64  GLN A OE1 1 
ATOM 487 N NE2 . GLN A 1 64  ? 3.392   -4.454  -14.861 1.00 0.00 ? 64  GLN A NE2 1 
ATOM 488 N N   . ASP A 1 65  ? -1.141  -1.271  -11.692 1.00 0.00 ? 65  ASP A N   1 
ATOM 489 C CA  . ASP A 1 65  ? -1.161  -0.127  -10.784 1.00 0.00 ? 65  ASP A CA  1 
ATOM 490 C C   . ASP A 1 65  ? -1.758  -0.505  -9.459  1.00 0.00 ? 65  ASP A C   1 
ATOM 491 O O   . ASP A 1 65  ? -1.338  0.025   -8.445  1.00 0.00 ? 65  ASP A O   1 
ATOM 492 C CB  . ASP A 1 65  ? -1.821  1.193   -11.260 1.00 0.00 ? 65  ASP A CB  1 
ATOM 493 C CG  . ASP A 1 65  ? -1.130  1.769   -12.503 1.00 0.00 ? 65  ASP A CG  1 
ATOM 494 O OD1 . ASP A 1 65  ? -0.093  1.211   -12.951 1.00 0.00 ? 65  ASP A OD1 1 
ATOM 495 O OD2 . ASP A 1 65  ? -1.648  2.795   -13.020 1.00 0.00 ? 65  ASP A OD2 1 
ATOM 496 N N   . VAL A 1 66  ? -2.765  -1.414  -9.474  1.00 0.00 ? 66  VAL A N   1 
ATOM 497 C CA  . VAL A 1 66  ? -3.441  -2.048  -8.362  1.00 0.00 ? 66  VAL A CA  1 
ATOM 498 C C   . VAL A 1 66  ? -2.461  -2.981  -7.727  1.00 0.00 ? 66  VAL A C   1 
ATOM 499 O O   . VAL A 1 66  ? -2.493  -3.122  -6.517  1.00 0.00 ? 66  VAL A O   1 
ATOM 500 C CB  . VAL A 1 66  ? -4.677  -2.843  -8.809  1.00 0.00 ? 66  VAL A CB  1 
ATOM 501 C CG1 . VAL A 1 66  ? -5.145  -3.957  -7.846  1.00 0.00 ? 66  VAL A CG1 1 
ATOM 502 C CG2 . VAL A 1 66  ? -5.803  -1.824  -9.068  1.00 0.00 ? 66  VAL A CG2 1 
ATOM 503 N N   . LEU A 1 67  ? -1.525  -3.609  -8.480  1.00 0.00 ? 67  LEU A N   1 
ATOM 504 C CA  . LEU A 1 67  ? -0.508  -4.430  -7.860  1.00 0.00 ? 67  LEU A CA  1 
ATOM 505 C C   . LEU A 1 67  ? 0.409   -3.502  -7.062  1.00 0.00 ? 67  LEU A C   1 
ATOM 506 O O   . LEU A 1 67  ? 0.813   -3.876  -5.967  1.00 0.00 ? 67  LEU A O   1 
ATOM 507 C CB  . LEU A 1 67  ? 0.340   -5.305  -8.855  1.00 0.00 ? 67  LEU A CB  1 
ATOM 508 C CG  . LEU A 1 67  ? -0.253  -6.679  -9.322  1.00 0.00 ? 67  LEU A CG  1 
ATOM 509 C CD1 . LEU A 1 67  ? 0.006   -6.968  -10.818 1.00 0.00 ? 67  LEU A CD1 1 
ATOM 510 C CD2 . LEU A 1 67  ? 0.290   -7.894  -8.544  1.00 0.00 ? 67  LEU A CD2 1 
ATOM 511 N N   . GLY A 1 68  ? 0.684   -2.255  -7.530  1.00 0.00 ? 68  GLY A N   1 
ATOM 512 C CA  . GLY A 1 68  ? 1.408   -1.235  -6.785  1.00 0.00 ? 68  GLY A CA  1 
ATOM 513 C C   . GLY A 1 68  ? 0.664   -0.551  -5.642  1.00 0.00 ? 68  GLY A C   1 
ATOM 514 O O   . GLY A 1 68  ? 1.251   -0.271  -4.601  1.00 0.00 ? 68  GLY A O   1 
ATOM 515 N N   . ASP A 1 69  ? -0.628  -0.188  -5.836  1.00 0.00 ? 69  ASP A N   1 
ATOM 516 C CA  . ASP A 1 69  ? -1.553  0.442   -4.900  1.00 0.00 ? 69  ASP A CA  1 
ATOM 517 C C   . ASP A 1 69  ? -1.800  -0.454  -3.717  1.00 0.00 ? 69  ASP A C   1 
ATOM 518 O O   . ASP A 1 69  ? -1.761  -0.023  -2.562  1.00 0.00 ? 69  ASP A O   1 
ATOM 519 C CB  . ASP A 1 69  ? -2.912  0.800   -5.568  1.00 0.00 ? 69  ASP A CB  1 
ATOM 520 C CG  . ASP A 1 69  ? -3.763  1.707   -4.673  1.00 0.00 ? 69  ASP A CG  1 
ATOM 521 O OD1 . ASP A 1 69  ? -3.359  2.882   -4.463  1.00 0.00 ? 69  ASP A OD1 1 
ATOM 522 O OD2 . ASP A 1 69  ? -4.816  1.227   -4.180  1.00 0.00 ? 69  ASP A OD2 1 
ATOM 523 N N   . LEU A 1 70  ? -2.045  -1.752  -4.040  1.00 0.00 ? 70  LEU A N   1 
ATOM 524 C CA  . LEU A 1 70  ? -2.334  -2.876  -3.164  1.00 0.00 ? 70  LEU A CA  1 
ATOM 525 C C   . LEU A 1 70  ? -1.195  -3.027  -2.238  1.00 0.00 ? 70  LEU A C   1 
ATOM 526 O O   . LEU A 1 70  ? -1.406  -3.194  -1.037  1.00 0.00 ? 70  LEU A O   1 
ATOM 527 C CB  . LEU A 1 70  ? -2.746  -4.257  -3.719  1.00 0.00 ? 70  LEU A CB  1 
ATOM 528 C CG  . LEU A 1 70  ? -4.199  -4.379  -4.268  1.00 0.00 ? 70  LEU A CG  1 
ATOM 529 C CD1 . LEU A 1 70  ? -5.120  -5.345  -3.490  1.00 0.00 ? 70  LEU A CD1 1 
ATOM 530 C CD2 . LEU A 1 70  ? -4.946  -3.049  -4.377  1.00 0.00 ? 70  LEU A CD2 1 
ATOM 531 N N   . MET A 1 71  ? 0.036   -3.059  -2.782  1.00 0.00 ? 71  MET A N   1 
ATOM 532 C CA  . MET A 1 71  ? 1.231   -3.017  -1.973  1.00 0.00 ? 71  MET A CA  1 
ATOM 533 C C   . MET A 1 71  ? 1.159   -1.947  -0.865  1.00 0.00 ? 71  MET A C   1 
ATOM 534 O O   . MET A 1 71  ? 0.863   -2.278  0.283   1.00 0.00 ? 71  MET A O   1 
ATOM 535 C CB  . MET A 1 71  ? 2.517   -2.841  -2.818  1.00 0.00 ? 71  MET A CB  1 
ATOM 536 C CG  . MET A 1 71  ? 2.910   -4.046  -3.701  1.00 0.00 ? 71  MET A CG  1 
ATOM 537 S SD  . MET A 1 71  ? 4.042   -3.638  -5.056  1.00 0.00 ? 71  MET A SD  1 
ATOM 538 C CE  . MET A 1 71  ? 5.229   -4.952  -4.674  1.00 0.00 ? 71  MET A CE  1 
ATOM 539 N N   . SER A 1 72  ? 1.472   -0.676  -1.166  1.00 0.00 ? 72  SER A N   1 
ATOM 540 C CA  . SER A 1 72  ? 1.403   0.502   -0.313  1.00 0.00 ? 72  SER A CA  1 
ATOM 541 C C   . SER A 1 72  ? 0.558   0.632   0.989   1.00 0.00 ? 72  SER A C   1 
ATOM 542 O O   . SER A 1 72  ? 1.113   0.898   2.054   1.00 0.00 ? 72  SER A O   1 
ATOM 543 C CB  . SER A 1 72  ? 1.069   1.719   -1.205  1.00 0.00 ? 72  SER A CB  1 
ATOM 544 O OG  . SER A 1 72  ? 1.560   2.952   -0.678  1.00 0.00 ? 72  SER A OG  1 
ATOM 545 N N   . ARG A 1 73  ? -0.808  0.499   0.943   1.00 0.00 ? 73  ARG A N   1 
ATOM 546 C CA  . ARG A 1 73  ? -1.661  0.876   2.080   1.00 0.00 ? 73  ARG A CA  1 
ATOM 547 C C   . ARG A 1 73  ? -1.611  0.282   3.483   1.00 0.00 ? 73  ARG A C   1 
ATOM 548 O O   . ARG A 1 73  ? -1.521  1.052   4.437   1.00 0.00 ? 73  ARG A O   1 
ATOM 549 C CB  . ARG A 1 73  ? -3.138  0.822   1.697   1.00 0.00 ? 73  ARG A CB  1 
ATOM 550 C CG  . ARG A 1 73  ? -3.575  1.915   0.707   1.00 0.00 ? 73  ARG A CG  1 
ATOM 551 C CD  . ARG A 1 73  ? -3.417  3.336   1.293   1.00 0.00 ? 73  ARG A CD  1 
ATOM 552 N NE  . ARG A 1 73  ? -4.293  4.345   0.606   1.00 0.00 ? 73  ARG A NE  1 
ATOM 553 C CZ  . ARG A 1 73  ? -5.581  4.621   0.990   1.00 0.00 ? 73  ARG A CZ  1 
ATOM 554 N NH1 . ARG A 1 73  ? -6.284  3.799   1.828   1.00 0.00 ? 73  ARG A NH1 1 
ATOM 555 N NH2 . ARG A 1 73  ? -6.176  5.776   0.549   1.00 0.00 ? 73  ARG A NH2 1 
ATOM 556 N N   . ASN A 1 74  ? -1.669  -1.072  3.639   1.00 0.00 ? 74  ASN A N   1 
ATOM 557 C CA  . ASN A 1 74  ? -1.740  -1.690  4.978   1.00 0.00 ? 74  ASN A CA  1 
ATOM 558 C C   . ASN A 1 74  ? -0.522  -1.593  5.797   1.00 0.00 ? 74  ASN A C   1 
ATOM 559 O O   . ASN A 1 74  ? -0.602  -1.727  7.005   1.00 0.00 ? 74  ASN A O   1 
ATOM 560 C CB  . ASN A 1 74  ? -2.499  -3.014  5.322   1.00 0.00 ? 74  ASN A CB  1 
ATOM 561 C CG  . ASN A 1 74  ? -4.032  -2.881  5.418   1.00 0.00 ? 74  ASN A CG  1 
ATOM 562 O OD1 . ASN A 1 74  ? -4.553  -2.694  6.516   1.00 0.00 ? 74  ASN A OD1 1 
ATOM 563 N ND2 . ASN A 1 74  ? -4.748  -2.948  4.256   1.00 0.00 ? 74  ASN A ND2 1 
ATOM 564 N N   . PHE A 1 75  ? 0.636   -1.471  5.157   1.00 0.00 ? 75  PHE A N   1 
ATOM 565 C CA  . PHE A 1 75  ? 1.908   -1.507  5.788   1.00 0.00 ? 75  PHE A CA  1 
ATOM 566 C C   . PHE A 1 75  ? 2.030   -0.343  6.720   1.00 0.00 ? 75  PHE A C   1 
ATOM 567 O O   . PHE A 1 75  ? 2.572   -0.485  7.821   1.00 0.00 ? 75  PHE A O   1 
ATOM 568 C CB  . PHE A 1 75  ? 2.947   -1.504  4.679   1.00 0.00 ? 75  PHE A CB  1 
ATOM 569 C CG  . PHE A 1 75  ? 4.338   -1.173  5.124   1.00 0.00 ? 75  PHE A CG  1 
ATOM 570 C CD1 . PHE A 1 75  ? 5.052   -2.155  5.812   1.00 0.00 ? 75  PHE A CD1 1 
ATOM 571 C CD2 . PHE A 1 75  ? 4.950   0.057   4.821   1.00 0.00 ? 75  PHE A CD2 1 
ATOM 572 C CE1 . PHE A 1 75  ? 6.386   -1.946  6.155   1.00 0.00 ? 75  PHE A CE1 1 
ATOM 573 C CE2 . PHE A 1 75  ? 6.292   0.268   5.151   1.00 0.00 ? 75  PHE A CE2 1 
ATOM 574 C CZ  . PHE A 1 75  ? 7.015   -0.754  5.763   1.00 0.00 ? 75  PHE A CZ  1 
ATOM 575 N N   . ILE A 1 76  ? 1.510   0.818   6.305   1.00 0.00 ? 76  ILE A N   1 
ATOM 576 C CA  . ILE A 1 76  ? 1.335   1.964   7.149   1.00 0.00 ? 76  ILE A CA  1 
ATOM 577 C C   . ILE A 1 76  ? 0.363   1.658   8.299   1.00 0.00 ? 76  ILE A C   1 
ATOM 578 O O   . ILE A 1 76  ? 0.686   1.938   9.446   1.00 0.00 ? 76  ILE A O   1 
ATOM 579 C CB  . ILE A 1 76  ? 0.826   3.081   6.257   1.00 0.00 ? 76  ILE A CB  1 
ATOM 580 C CG1 . ILE A 1 76  ? 2.008   3.549   5.370   1.00 0.00 ? 76  ILE A CG1 1 
ATOM 581 C CG2 . ILE A 1 76  ? 0.180   4.226   7.068   1.00 0.00 ? 76  ILE A CG2 1 
ATOM 582 C CD1 . ILE A 1 76  ? 1.598   4.388   4.161   1.00 0.00 ? 76  ILE A CD1 1 
ATOM 583 N N   . ASP A 1 77  ? -0.839  1.088   8.046   1.00 0.00 ? 77  ASP A N   1 
ATOM 584 C CA  . ASP A 1 77  ? -1.778  0.681   9.090   1.00 0.00 ? 77  ASP A CA  1 
ATOM 585 C C   . ASP A 1 77  ? -1.292  -0.356  10.115  1.00 0.00 ? 77  ASP A C   1 
ATOM 586 O O   . ASP A 1 77  ? -1.651  -0.336  11.287  1.00 0.00 ? 77  ASP A O   1 
ATOM 587 C CB  . ASP A 1 77  ? -3.076  0.116   8.465   1.00 0.00 ? 77  ASP A CB  1 
ATOM 588 C CG  . ASP A 1 77  ? -3.730  1.156   7.555   1.00 0.00 ? 77  ASP A CG  1 
ATOM 589 O OD1 . ASP A 1 77  ? -4.071  2.247   8.084   1.00 0.00 ? 77  ASP A OD1 1 
ATOM 590 O OD2 . ASP A 1 77  ? -3.881  0.891   6.332   1.00 0.00 ? 77  ASP A OD2 1 
ATOM 591 N N   . ALA A 1 78  ? -0.456  -1.312  9.666   1.00 0.00 ? 78  ALA A N   1 
ATOM 592 C CA  . ALA A 1 78  ? 0.123   -2.451  10.357  1.00 0.00 ? 78  ALA A CA  1 
ATOM 593 C C   . ALA A 1 78  ? 1.122   -2.046  11.389  1.00 0.00 ? 78  ALA A C   1 
ATOM 594 O O   . ALA A 1 78  ? 1.044   -2.504  12.525  1.00 0.00 ? 78  ALA A O   1 
ATOM 595 C CB  . ALA A 1 78  ? 0.636   -3.555  9.425   1.00 0.00 ? 78  ALA A CB  1 
ATOM 596 N N   . ILE A 1 79  ? 2.109   -1.195  11.019  1.00 0.00 ? 79  ILE A N   1 
ATOM 597 C CA  . ILE A 1 79  ? 3.180   -0.740  11.885  1.00 0.00 ? 79  ILE A CA  1 
ATOM 598 C C   . ILE A 1 79  ? 2.622   0.050   13.046  1.00 0.00 ? 79  ILE A C   1 
ATOM 599 O O   . ILE A 1 79  ? 3.212   0.092   14.123  1.00 0.00 ? 79  ILE A O   1 
ATOM 600 C CB  . ILE A 1 79  ? 4.254   0.108   11.185  1.00 0.00 ? 79  ILE A CB  1 
ATOM 601 C CG1 . ILE A 1 79  ? 3.716   1.338   10.408  1.00 0.00 ? 79  ILE A CG1 1 
ATOM 602 C CG2 . ILE A 1 79  ? 5.058   -0.831  10.274  1.00 0.00 ? 79  ILE A CG2 1 
ATOM 603 C CD1 . ILE A 1 79  ? 4.742   2.015   9.492   1.00 0.00 ? 79  ILE A CD1 1 
ATOM 604 N N   . ILE A 1 80  ? 1.438   0.664   12.834  1.00 0.00 ? 80  ILE A N   1 
ATOM 605 C CA  . ILE A 1 80  ? 0.663   1.322   13.854  1.00 0.00 ? 80  ILE A CA  1 
ATOM 606 C C   . ILE A 1 80  ? 0.166   0.306   14.878  1.00 0.00 ? 80  ILE A C   1 
ATOM 607 O O   . ILE A 1 80  ? 0.218   0.587   16.072  1.00 0.00 ? 80  ILE A O   1 
ATOM 608 C CB  . ILE A 1 80  ? -0.467  2.127   13.208  1.00 0.00 ? 80  ILE A CB  1 
ATOM 609 C CG1 . ILE A 1 80  ? 0.122   3.300   12.387  1.00 0.00 ? 80  ILE A CG1 1 
ATOM 610 C CG2 . ILE A 1 80  ? -1.527  2.590   14.229  1.00 0.00 ? 80  ILE A CG2 1 
ATOM 611 C CD1 . ILE A 1 80  ? -0.893  3.974   11.459  1.00 0.00 ? 80  ILE A CD1 1 
ATOM 612 N N   . LYS A 1 81  ? -0.354  -0.879  14.453  1.00 0.00 ? 81  LYS A N   1 
ATOM 613 C CA  . LYS A 1 81  ? -0.916  -1.862  15.360  1.00 0.00 ? 81  LYS A CA  1 
ATOM 614 C C   . LYS A 1 81  ? 0.029   -2.618  16.278  1.00 0.00 ? 81  LYS A C   1 
ATOM 615 O O   . LYS A 1 81  ? -0.383  -2.947  17.388  1.00 0.00 ? 81  LYS A O   1 
ATOM 616 C CB  . LYS A 1 81  ? -1.843  -2.885  14.671  1.00 0.00 ? 81  LYS A CB  1 
ATOM 617 C CG  . LYS A 1 81  ? -3.270  -2.820  15.245  1.00 0.00 ? 81  LYS A CG  1 
ATOM 618 C CD  . LYS A 1 81  ? -4.117  -4.039  14.844  1.00 0.00 ? 81  LYS A CD  1 
ATOM 619 C CE  . LYS A 1 81  ? -5.605  -3.767  14.613  1.00 0.00 ? 81  LYS A CE  1 
ATOM 620 N NZ  . LYS A 1 81  ? -6.245  -3.144  15.793  1.00 0.00 ? 81  LYS A NZ  1 
ATOM 621 N N   . GLU A 1 82  ? 1.293   -2.948  15.882  1.00 0.00 ? 82  GLU A N   1 
ATOM 622 C CA  . GLU A 1 82  ? 2.284   -3.442  16.846  1.00 0.00 ? 82  GLU A CA  1 
ATOM 623 C C   . GLU A 1 82  ? 3.129   -2.345  17.433  1.00 0.00 ? 82  GLU A C   1 
ATOM 624 O O   . GLU A 1 82  ? 4.122   -2.659  18.083  1.00 0.00 ? 82  GLU A O   1 
ATOM 625 C CB  . GLU A 1 82  ? 3.214   -4.548  16.288  1.00 0.00 ? 82  GLU A CB  1 
ATOM 626 C CG  . GLU A 1 82  ? 2.617   -5.963  16.405  1.00 0.00 ? 82  GLU A CG  1 
ATOM 627 C CD  . GLU A 1 82  ? 2.769   -6.499  17.830  1.00 0.00 ? 82  GLU A CD  1 
ATOM 628 O OE1 . GLU A 1 82  ? 3.943   -6.701  18.258  1.00 0.00 ? 82  GLU A OE1 1 
ATOM 629 O OE2 . GLU A 1 82  ? 1.734   -6.744  18.495  1.00 0.00 ? 82  GLU A OE2 1 
ATOM 630 N N   . LYS A 1 83  ? 2.685   -1.071  17.288  1.00 0.00 ? 83  LYS A N   1 
ATOM 631 C CA  . LYS A 1 83  ? 3.285   0.210   17.635  1.00 0.00 ? 83  LYS A CA  1 
ATOM 632 C C   . LYS A 1 83  ? 4.811   0.289   17.713  1.00 0.00 ? 83  LYS A C   1 
ATOM 633 O O   . LYS A 1 83  ? 5.474   -0.490  18.390  1.00 0.00 ? 83  LYS A O   1 
ATOM 634 C CB  . LYS A 1 83  ? 2.782   0.691   19.034  1.00 0.00 ? 83  LYS A CB  1 
ATOM 635 C CG  . LYS A 1 83  ? 1.258   0.864   19.262  1.00 0.00 ? 83  LYS A CG  1 
ATOM 636 C CD  . LYS A 1 83  ? 0.414   -0.427  19.285  1.00 0.00 ? 83  LYS A CD  1 
ATOM 637 C CE  . LYS A 1 83  ? -1.001  -0.279  19.867  1.00 0.00 ? 83  LYS A CE  1 
ATOM 638 N NZ  . LYS A 1 83  ? -1.793  -1.520  19.658  1.00 0.00 ? 83  LYS A NZ  1 
ATOM 639 N N   . ILE A 1 84  ? 5.423   1.326   17.084  1.00 0.00 ? 84  ILE A N   1 
ATOM 640 C CA  . ILE A 1 84  ? 6.869   1.453   17.102  1.00 0.00 ? 84  ILE A CA  1 
ATOM 641 C C   . ILE A 1 84  ? 7.175   2.920   16.881  1.00 0.00 ? 84  ILE A C   1 
ATOM 642 O O   . ILE A 1 84  ? 6.280   3.736   16.668  1.00 0.00 ? 84  ILE A O   1 
ATOM 643 C CB  . ILE A 1 84  ? 7.693   0.605   16.088  1.00 0.00 ? 84  ILE A CB  1 
ATOM 644 C CG1 . ILE A 1 84  ? 6.963   -0.525  15.307  1.00 0.00 ? 84  ILE A CG1 1 
ATOM 645 C CG2 . ILE A 1 84  ? 8.902   0.003   16.841  1.00 0.00 ? 84  ILE A CG2 1 
ATOM 646 C CD1 . ILE A 1 84  ? 6.593   -0.119  13.883  1.00 0.00 ? 84  ILE A CD1 1 
ATOM 647 N N   . ASN A 1 85  ? 8.482   3.270   17.006  1.00 0.00 ? 85  ASN A N   1 
ATOM 648 C CA  . ASN A 1 85  ? 9.004   4.615   17.112  1.00 0.00 ? 85  ASN A CA  1 
ATOM 649 C C   . ASN A 1 85  ? 9.629   5.038   15.784  1.00 0.00 ? 85  ASN A C   1 
ATOM 650 O O   . ASN A 1 85  ? 10.116  4.158   15.076  1.00 0.00 ? 85  ASN A O   1 
ATOM 651 C CB  . ASN A 1 85  ? 10.072  4.624   18.241  1.00 0.00 ? 85  ASN A CB  1 
ATOM 652 C CG  . ASN A 1 85  ? 10.235  5.994   18.914  1.00 0.00 ? 85  ASN A CG  1 
ATOM 653 O OD1 . ASN A 1 85  ? 9.564   6.277   19.914  1.00 0.00 ? 85  ASN A OD1 1 
ATOM 654 N ND2 . ASN A 1 85  ? 11.154  6.840   18.364  1.00 0.00 ? 85  ASN A ND2 1 
ATOM 655 N N   . PRO A 1 86  ? 9.679   6.320   15.388  1.00 0.00 ? 86  PRO A N   1 
ATOM 656 C CA  . PRO A 1 86  ? 10.323  6.746   14.142  1.00 0.00 ? 86  PRO A CA  1 
ATOM 657 C C   . PRO A 1 86  ? 11.704  7.323   14.410  1.00 0.00 ? 86  PRO A C   1 
ATOM 658 O O   . PRO A 1 86  ? 12.048  7.536   15.570  1.00 0.00 ? 86  PRO A O   1 
ATOM 659 C CB  . PRO A 1 86  ? 9.421   7.894   13.661  1.00 0.00 ? 86  PRO A CB  1 
ATOM 660 C CG  . PRO A 1 86  ? 8.909   8.536   14.953  1.00 0.00 ? 86  PRO A CG  1 
ATOM 661 C CD  . PRO A 1 86  ? 8.717   7.322   15.864  1.00 0.00 ? 86  PRO A CD  1 
ATOM 662 N N   . ALA A 1 87  ? 12.477  7.605   13.324  1.00 0.00 ? 87  ALA A N   1 
ATOM 663 C CA  . ALA A 1 87  ? 13.661  8.447   13.326  1.00 0.00 ? 87  ALA A CA  1 
ATOM 664 C C   . ALA A 1 87  ? 14.273  8.359   11.957  1.00 0.00 ? 87  ALA A C   1 
ATOM 665 O O   . ALA A 1 87  ? 14.687  7.281   11.532  1.00 0.00 ? 87  ALA A O   1 
ATOM 666 C CB  . ALA A 1 87  ? 14.808  8.157   14.322  1.00 0.00 ? 87  ALA A CB  1 
ATOM 667 N N   . GLY A 1 88  ? 14.339  9.513   11.241  1.00 0.00 ? 88  GLY A N   1 
ATOM 668 C CA  . GLY A 1 88  ? 14.785  9.664   9.869   1.00 0.00 ? 88  GLY A CA  1 
ATOM 669 C C   . GLY A 1 88  ? 14.157  8.730   8.869   1.00 0.00 ? 88  GLY A C   1 
ATOM 670 O O   . GLY A 1 88  ? 13.176  8.050   9.162   1.00 0.00 ? 88  GLY A O   1 
ATOM 671 N N   . ALA A 1 89  ? 14.675  8.770   7.613   1.00 0.00 ? 89  ALA A N   1 
ATOM 672 C CA  . ALA A 1 89  ? 14.018  8.229   6.440   1.00 0.00 ? 89  ALA A CA  1 
ATOM 673 C C   . ALA A 1 89  ? 13.730  6.734   6.540   1.00 0.00 ? 89  ALA A C   1 
ATOM 674 O O   . ALA A 1 89  ? 14.663  5.971   6.792   1.00 0.00 ? 89  ALA A O   1 
ATOM 675 C CB  . ALA A 1 89  ? 14.854  8.458   5.164   1.00 0.00 ? 89  ALA A CB  1 
ATOM 676 N N   . PRO A 1 90  ? 12.494  6.258   6.347   1.00 0.00 ? 90  PRO A N   1 
ATOM 677 C CA  . PRO A 1 90  ? 12.152  4.843   6.366   1.00 0.00 ? 90  PRO A CA  1 
ATOM 678 C C   . PRO A 1 90  ? 12.518  4.183   5.059   1.00 0.00 ? 90  PRO A C   1 
ATOM 679 O O   . PRO A 1 90  ? 12.508  4.848   4.023   1.00 0.00 ? 90  PRO A O   1 
ATOM 680 C CB  . PRO A 1 90  ? 10.632  4.810   6.587   1.00 0.00 ? 90  PRO A CB  1 
ATOM 681 C CG  . PRO A 1 90  ? 10.130  6.149   6.046   1.00 0.00 ? 90  PRO A CG  1 
ATOM 682 C CD  . PRO A 1 90  ? 11.297  7.100   6.304   1.00 0.00 ? 90  PRO A CD  1 
ATOM 683 N N   . THR A 1 91  ? 12.861  2.873   5.112   1.00 0.00 ? 91  THR A N   1 
ATOM 684 C CA  . THR A 1 91  ? 13.203  2.080   3.953   1.00 0.00 ? 91  THR A CA  1 
ATOM 685 C C   . THR A 1 91  ? 12.066  1.112   3.762   1.00 0.00 ? 91  THR A C   1 
ATOM 686 O O   . THR A 1 91  ? 11.786  0.295   4.633   1.00 0.00 ? 91  THR A O   1 
ATOM 687 C CB  . THR A 1 91  ? 14.499  1.313   4.156   1.00 0.00 ? 91  THR A CB  1 
ATOM 688 O OG1 . THR A 1 91  ? 15.558  2.234   4.384   1.00 0.00 ? 91  THR A OG1 1 
ATOM 689 C CG2 . THR A 1 91  ? 14.837  0.450   2.924   1.00 0.00 ? 91  THR A CG2 1 
ATOM 690 N N   . TYR A 1 92  ? 11.379  1.196   2.596   1.00 0.00 ? 92  TYR A N   1 
ATOM 691 C CA  . TYR A 1 92  ? 10.282  0.327   2.222   1.00 0.00 ? 92  TYR A CA  1 
ATOM 692 C C   . TYR A 1 92  ? 10.896  -0.850  1.471   1.00 0.00 ? 92  TYR A C   1 
ATOM 693 O O   . TYR A 1 92  ? 11.591  -0.638  0.478   1.00 0.00 ? 92  TYR A O   1 
ATOM 694 C CB  . TYR A 1 92  ? 9.233   1.044   1.315   1.00 0.00 ? 92  TYR A CB  1 
ATOM 695 C CG  . TYR A 1 92  ? 8.508   2.183   2.024   1.00 0.00 ? 92  TYR A CG  1 
ATOM 696 C CD1 . TYR A 1 92  ? 9.150   3.395   2.349   1.00 0.00 ? 92  TYR A CD1 1 
ATOM 697 C CD2 . TYR A 1 92  ? 7.152   2.054   2.370   1.00 0.00 ? 92  TYR A CD2 1 
ATOM 698 C CE1 . TYR A 1 92  ? 8.474   4.402   3.056   1.00 0.00 ? 92  TYR A CE1 1 
ATOM 699 C CE2 . TYR A 1 92  ? 6.452   3.078   3.019   1.00 0.00 ? 92  TYR A CE2 1 
ATOM 700 C CZ  . TYR A 1 92  ? 7.131   4.236   3.405   1.00 0.00 ? 92  TYR A CZ  1 
ATOM 701 O OH  . TYR A 1 92  ? 6.432   5.202   4.158   1.00 0.00 ? 92  TYR A OH  1 
ATOM 702 N N   . VAL A 1 93  ? 10.683  -2.110  1.957   1.00 0.00 ? 93  VAL A N   1 
ATOM 703 C CA  . VAL A 1 93  ? 11.295  -3.315  1.412   1.00 0.00 ? 93  VAL A CA  1 
ATOM 704 C C   . VAL A 1 93  ? 10.215  -4.228  0.847   1.00 0.00 ? 93  VAL A C   1 
ATOM 705 O O   . VAL A 1 93  ? 9.756   -5.072  1.614   1.00 0.00 ? 93  VAL A O   1 
ATOM 706 C CB  . VAL A 1 93  ? 12.077  -4.063  2.508   1.00 0.00 ? 93  VAL A CB  1 
ATOM 707 C CG1 . VAL A 1 93  ? 12.784  -5.329  1.968   1.00 0.00 ? 93  VAL A CG1 1 
ATOM 708 C CG2 . VAL A 1 93  ? 13.105  -3.108  3.157   1.00 0.00 ? 93  VAL A CG2 1 
ATOM 709 N N   . PRO A 1 94  ? 9.772   -4.185  -0.419  1.00 0.00 ? 94  PRO A N   1 
ATOM 710 C CA  . PRO A 1 94  ? 8.614   -4.956  -0.880  1.00 0.00 ? 94  PRO A CA  1 
ATOM 711 C C   . PRO A 1 94  ? 8.831   -6.454  -0.973  1.00 0.00 ? 94  PRO A C   1 
ATOM 712 O O   . PRO A 1 94  ? 9.958   -6.883  -1.219  1.00 0.00 ? 94  PRO A O   1 
ATOM 713 C CB  . PRO A 1 94  ? 8.269   -4.377  -2.263  1.00 0.00 ? 94  PRO A CB  1 
ATOM 714 C CG  . PRO A 1 94  ? 9.491   -3.551  -2.678  1.00 0.00 ? 94  PRO A CG  1 
ATOM 715 C CD  . PRO A 1 94  ? 10.091  -3.107  -1.346  1.00 0.00 ? 94  PRO A CD  1 
ATOM 716 N N   . GLY A 1 95  ? 7.735   -7.243  -0.800  1.00 0.00 ? 95  GLY A N   1 
ATOM 717 C CA  . GLY A 1 95  ? 7.650   -8.671  -1.040  1.00 0.00 ? 95  GLY A CA  1 
ATOM 718 C C   . GLY A 1 95  ? 7.023   -8.924  -2.383  1.00 0.00 ? 95  GLY A C   1 
ATOM 719 O O   . GLY A 1 95  ? 6.879   -8.004  -3.191  1.00 0.00 ? 95  GLY A O   1 
ATOM 720 N N   . GLU A 1 96  ? 6.605   -10.197 -2.646  1.00 0.00 ? 96  GLU A N   1 
ATOM 721 C CA  . GLU A 1 96  ? 5.770   -10.530 -3.788  1.00 0.00 ? 96  GLU A CA  1 
ATOM 722 C C   . GLU A 1 96  ? 4.337   -10.173 -3.492  1.00 0.00 ? 96  GLU A C   1 
ATOM 723 O O   . GLU A 1 96  ? 3.806   -10.536 -2.440  1.00 0.00 ? 96  GLU A O   1 
ATOM 724 C CB  . GLU A 1 96  ? 5.792   -12.048 -4.118  1.00 0.00 ? 96  GLU A CB  1 
ATOM 725 C CG  . GLU A 1 96  ? 4.876   -12.457 -5.291  1.00 0.00 ? 96  GLU A CG  1 
ATOM 726 C CD  . GLU A 1 96  ? 4.965   -13.960 -5.544  1.00 0.00 ? 96  GLU A CD  1 
ATOM 727 O OE1 . GLU A 1 96  ? 4.596   -14.738 -4.625  1.00 0.00 ? 96  GLU A OE1 1 
ATOM 728 O OE2 . GLU A 1 96  ? 5.390   -14.348 -6.665  1.00 0.00 ? 96  GLU A OE2 1 
ATOM 729 N N   . TYR A 1 97  ? 3.686   -9.464  -4.447  1.00 0.00 ? 97  TYR A N   1 
ATOM 730 C CA  . TYR A 1 97  ? 2.275   -9.181  -4.481  1.00 0.00 ? 97  TYR A CA  1 
ATOM 731 C C   . TYR A 1 97  ? 1.511   -10.095 -5.415  1.00 0.00 ? 97  TYR A C   1 
ATOM 732 O O   . TYR A 1 97  ? 1.891   -10.266 -6.572  1.00 0.00 ? 97  TYR A O   1 
ATOM 733 C CB  . TYR A 1 97  ? 1.941   -7.675  -4.635  1.00 0.00 ? 97  TYR A CB  1 
ATOM 734 C CG  . TYR A 1 97  ? 0.479   -7.445  -4.365  1.00 0.00 ? 97  TYR A CG  1 
ATOM 735 C CD1 . TYR A 1 97  ? -0.156  -7.954  -3.232  1.00 0.00 ? 97  TYR A CD1 1 
ATOM 736 C CD2 . TYR A 1 97  ? -0.310  -6.909  -5.376  1.00 0.00 ? 97  TYR A CD2 1 
ATOM 737 C CE1 . TYR A 1 97  ? -1.542  -7.984  -3.138  1.00 0.00 ? 97  TYR A CE1 1 
ATOM 738 C CE2 . TYR A 1 97  ? -1.702  -7.039  -5.362  1.00 0.00 ? 97  TYR A CE2 1 
ATOM 739 C CZ  . TYR A 1 97  ? -2.315  -7.616  -4.242  1.00 0.00 ? 97  TYR A CZ  1 
ATOM 740 O OH  . TYR A 1 97  ? -3.687  -7.886  -4.251  1.00 0.00 ? 97  TYR A OH  1 
ATOM 741 N N   . LYS A 1 98  ? 0.415   -10.711 -4.904  1.00 0.00 ? 98  LYS A N   1 
ATOM 742 C CA  . LYS A 1 98  ? -0.475  -11.574 -5.648  1.00 0.00 ? 98  LYS A CA  1 
ATOM 743 C C   . LYS A 1 98  ? -1.840  -10.941 -5.590  1.00 0.00 ? 98  LYS A C   1 
ATOM 744 O O   . LYS A 1 98  ? -2.384  -10.734 -4.512  1.00 0.00 ? 98  LYS A O   1 
ATOM 745 C CB  . LYS A 1 98  ? -0.582  -12.973 -5.000  1.00 0.00 ? 98  LYS A CB  1 
ATOM 746 C CG  . LYS A 1 98  ? 0.754   -13.733 -5.021  1.00 0.00 ? 98  LYS A CG  1 
ATOM 747 C CD  . LYS A 1 98  ? 0.824   -14.944 -4.071  1.00 0.00 ? 98  LYS A CD  1 
ATOM 748 C CE  . LYS A 1 98  ? 0.751   -14.601 -2.570  1.00 0.00 ? 98  LYS A CE  1 
ATOM 749 N NZ  . LYS A 1 98  ? 1.776   -13.599 -2.189  1.00 0.00 ? 98  LYS A NZ  1 
ATOM 750 N N   . LEU A 1 99  ? -2.391  -10.591 -6.782  1.00 0.00 ? 99  LEU A N   1 
ATOM 751 C CA  . LEU A 1 99  ? -3.705  -10.025 -7.025  1.00 0.00 ? 99  LEU A CA  1 
ATOM 752 C C   . LEU A 1 99  ? -4.858  -10.661 -6.275  1.00 0.00 ? 99  LEU A C   1 
ATOM 753 O O   . LEU A 1 99  ? -5.121  -11.855 -6.422  1.00 0.00 ? 99  LEU A O   1 
ATOM 754 C CB  . LEU A 1 99  ? -4.076  -10.076 -8.523  1.00 0.00 ? 99  LEU A CB  1 
ATOM 755 C CG  . LEU A 1 99  ? -5.338  -9.260  -8.895  1.00 0.00 ? 99  LEU A CG  1 
ATOM 756 C CD1 . LEU A 1 99  ? -5.058  -7.744  -8.875  1.00 0.00 ? 99  LEU A CD1 1 
ATOM 757 C CD2 . LEU A 1 99  ? -5.914  -9.746  -10.234 1.00 0.00 ? 99  LEU A CD2 1 
ATOM 758 N N   . GLY A 1 100 ? -5.580  -9.843  -5.465  1.00 0.00 ? 100 GLY A N   1 
ATOM 759 C CA  . GLY A 1 100 ? -6.810  -10.181 -4.773  1.00 0.00 ? 100 GLY A CA  1 
ATOM 760 C C   . GLY A 1 100 ? -6.541  -10.939 -3.501  1.00 0.00 ? 100 GLY A C   1 
ATOM 761 O O   . GLY A 1 100 ? -7.465  -11.335 -2.792  1.00 0.00 ? 100 GLY A O   1 
ATOM 762 N N   . GLU A 1 101 ? -5.240  -11.163 -3.224  1.00 0.00 ? 101 GLU A N   1 
ATOM 763 C CA  . GLU A 1 101 ? -4.664  -11.884 -2.123  1.00 0.00 ? 101 GLU A CA  1 
ATOM 764 C C   . GLU A 1 101 ? -3.926  -10.921 -1.244  1.00 0.00 ? 101 GLU A C   1 
ATOM 765 O O   . GLU A 1 101 ? -3.676  -9.787  -1.637  1.00 0.00 ? 101 GLU A O   1 
ATOM 766 C CB  . GLU A 1 101 ? -3.721  -13.033 -2.527  1.00 0.00 ? 101 GLU A CB  1 
ATOM 767 C CG  . GLU A 1 101 ? -4.353  -13.984 -3.557  1.00 0.00 ? 101 GLU A CG  1 
ATOM 768 C CD  . GLU A 1 101 ? -3.410  -15.155 -3.836  1.00 0.00 ? 101 GLU A CD  1 
ATOM 769 O OE1 . GLU A 1 101 ? -3.003  -15.835 -2.857  1.00 0.00 ? 101 GLU A OE1 1 
ATOM 770 O OE2 . GLU A 1 101 ? -3.088  -15.385 -5.033  1.00 0.00 ? 101 GLU A OE2 1 
ATOM 771 N N   . ASP A 1 102 ? -3.636  -11.342 0.006   1.00 0.00 ? 102 ASP A N   1 
ATOM 772 C CA  . ASP A 1 102 ? -2.764  -10.681 0.962   1.00 0.00 ? 102 ASP A CA  1 
ATOM 773 C C   . ASP A 1 102 ? -1.327  -10.396 0.481   1.00 0.00 ? 102 ASP A C   1 
ATOM 774 O O   . ASP A 1 102 ? -0.781  -11.123 -0.349  1.00 0.00 ? 102 ASP A O   1 
ATOM 775 C CB  . ASP A 1 102 ? -2.717  -11.461 2.305   1.00 0.00 ? 102 ASP A CB  1 
ATOM 776 C CG  . ASP A 1 102 ? -4.073  -11.501 3.033   1.00 0.00 ? 102 ASP A CG  1 
ATOM 777 O OD1 . ASP A 1 102 ? -5.107  -11.036 2.483   1.00 0.00 ? 102 ASP A OD1 1 
ATOM 778 O OD2 . ASP A 1 102 ? -4.076  -12.004 4.189   1.00 0.00 ? 102 ASP A OD2 1 
ATOM 779 N N   . PHE A 1 103 ? -0.732  -9.271  0.985   1.00 0.00 ? 103 PHE A N   1 
ATOM 780 C CA  . PHE A 1 103 ? 0.535   -8.632  0.627   1.00 0.00 ? 103 PHE A CA  1 
ATOM 781 C C   . PHE A 1 103 ? 1.473   -8.564  1.821   1.00 0.00 ? 103 PHE A C   1 
ATOM 782 O O   . PHE A 1 103 ? 1.011   -8.237  2.903   1.00 0.00 ? 103 PHE A O   1 
ATOM 783 C CB  . PHE A 1 103 ? 0.461   -7.180  0.053   1.00 0.00 ? 103 PHE A CB  1 
ATOM 784 C CG  . PHE A 1 103 ? 1.833   -6.717  -0.442  1.00 0.00 ? 103 PHE A CG  1 
ATOM 785 C CD1 . PHE A 1 103 ? 2.639   -7.573  -1.213  1.00 0.00 ? 103 PHE A CD1 1 
ATOM 786 C CD2 . PHE A 1 103 ? 2.401   -5.502  -0.019  1.00 0.00 ? 103 PHE A CD2 1 
ATOM 787 C CE1 . PHE A 1 103 ? 3.948   -7.224  -1.557  1.00 0.00 ? 103 PHE A CE1 1 
ATOM 788 C CE2 . PHE A 1 103 ? 3.690   -5.127  -0.420  1.00 0.00 ? 103 PHE A CE2 1 
ATOM 789 C CZ  . PHE A 1 103 ? 4.482   -6.000  -1.157  1.00 0.00 ? 103 PHE A CZ  1 
ATOM 790 N N   . THR A 1 104 ? 2.785   -8.916  1.695   1.00 0.00 ? 104 THR A N   1 
ATOM 791 C CA  . THR A 1 104 ? 3.710   -8.721  2.806   1.00 0.00 ? 104 THR A CA  1 
ATOM 792 C C   . THR A 1 104 ? 4.760   -7.683  2.428   1.00 0.00 ? 104 THR A C   1 
ATOM 793 O O   . THR A 1 104 ? 5.262   -7.735  1.305   1.00 0.00 ? 104 THR A O   1 
ATOM 794 C CB  . THR A 1 104 ? 4.420   -10.062 3.016   1.00 0.00 ? 104 THR A CB  1 
ATOM 795 O OG1 . THR A 1 104 ? 3.481   -11.030 3.473   1.00 0.00 ? 104 THR A OG1 1 
ATOM 796 C CG2 . THR A 1 104 ? 5.613   -10.023 3.994   1.00 0.00 ? 104 THR A CG2 1 
ATOM 797 N N   . TYR A 1 105 ? 5.154   -6.756  3.381   1.00 0.00 ? 105 TYR A N   1 
ATOM 798 C CA  . TYR A 1 105 ? 6.368   -5.943  3.287   1.00 0.00 ? 105 TYR A CA  1 
ATOM 799 C C   . TYR A 1 105 ? 6.909   -5.358  4.597   1.00 0.00 ? 105 TYR A C   1 
ATOM 800 O O   . TYR A 1 105 ? 6.242   -5.439  5.624   1.00 0.00 ? 105 TYR A O   1 
ATOM 801 C CB  . TYR A 1 105 ? 6.496   -4.992  2.069   1.00 0.00 ? 105 TYR A CB  1 
ATOM 802 C CG  . TYR A 1 105 ? 5.780   -3.674  2.027   1.00 0.00 ? 105 TYR A CG  1 
ATOM 803 C CD1 . TYR A 1 105 ? 4.402   -3.511  2.213   1.00 0.00 ? 105 TYR A CD1 1 
ATOM 804 C CD2 . TYR A 1 105 ? 6.537   -2.592  1.559   1.00 0.00 ? 105 TYR A CD2 1 
ATOM 805 C CE1 . TYR A 1 105 ? 3.801   -2.276  1.905   1.00 0.00 ? 105 TYR A CE1 1 
ATOM 806 C CE2 . TYR A 1 105 ? 5.956   -1.346  1.339   1.00 0.00 ? 105 TYR A CE2 1 
ATOM 807 C CZ  . TYR A 1 105 ? 4.592   -1.171  1.576   1.00 0.00 ? 105 TYR A CZ  1 
ATOM 808 O OH  . TYR A 1 105 ? 4.090   0.134   1.474   1.00 0.00 ? 105 TYR A OH  1 
ATOM 809 N N   . SER A 1 106 ? 8.170   -4.804  4.578   1.00 0.00 ? 106 SER A N   1 
ATOM 810 C CA  . SER A 1 106 ? 8.987   -4.471  5.754   1.00 0.00 ? 106 SER A CA  1 
ATOM 811 C C   . SER A 1 106 ? 9.528   -3.036  5.845   1.00 0.00 ? 106 SER A C   1 
ATOM 812 O O   . SER A 1 106 ? 9.548   -2.324  4.843   1.00 0.00 ? 106 SER A O   1 
ATOM 813 C CB  . SER A 1 106 ? 10.148  -5.456  6.003   1.00 0.00 ? 106 SER A CB  1 
ATOM 814 O OG  . SER A 1 106 ? 9.656   -6.786  6.116   1.00 0.00 ? 106 SER A OG  1 
ATOM 815 N N   . VAL A 1 107 ? 9.975   -2.598  7.075   1.00 0.00 ? 107 VAL A N   1 
ATOM 816 C CA  . VAL A 1 107 ? 10.540  -1.281  7.407   1.00 0.00 ? 107 VAL A CA  1 
ATOM 817 C C   . VAL A 1 107 ? 11.729  -1.528  8.287   1.00 0.00 ? 107 VAL A C   1 
ATOM 818 O O   . VAL A 1 107 ? 11.618  -2.136  9.348   1.00 0.00 ? 107 VAL A O   1 
ATOM 819 C CB  . VAL A 1 107 ? 9.789   -0.164  8.192   1.00 0.00 ? 107 VAL A CB  1 
ATOM 820 C CG1 . VAL A 1 107 ? 9.749   1.131   7.317   1.00 0.00 ? 107 VAL A CG1 1 
ATOM 821 C CG2 . VAL A 1 107 ? 8.463   -0.616  8.819   1.00 0.00 ? 107 VAL A CG2 1 
ATOM 822 N N   . GLU A 1 108 ? 12.907  -1.044  7.819   1.00 0.00 ? 108 GLU A N   1 
ATOM 823 C CA  . GLU A 1 108 ? 14.083  -0.902  8.650   1.00 0.00 ? 108 GLU A CA  1 
ATOM 824 C C   . GLU A 1 108 ? 14.218  0.571   8.938   1.00 0.00 ? 108 GLU A C   1 
ATOM 825 O O   . GLU A 1 108 ? 13.894  1.394   8.082   1.00 0.00 ? 108 GLU A O   1 
ATOM 826 C CB  . GLU A 1 108 ? 15.375  -1.403  7.960   1.00 0.00 ? 108 GLU A CB  1 
ATOM 827 C CG  . GLU A 1 108 ? 15.219  -2.837  7.413   1.00 0.00 ? 108 GLU A CG  1 
ATOM 828 C CD  . GLU A 1 108 ? 16.495  -3.302  6.719   1.00 0.00 ? 108 GLU A CD  1 
ATOM 829 O OE1 . GLU A 1 108 ? 16.895  -2.649  5.719   1.00 0.00 ? 108 GLU A OE1 1 
ATOM 830 O OE2 . GLU A 1 108 ? 17.082  -4.326  7.157   1.00 0.00 ? 108 GLU A OE2 1 
ATOM 831 N N   . PHE A 1 109 ? 14.701  0.921   10.161  1.00 0.00 ? 109 PHE A N   1 
ATOM 832 C CA  . PHE A 1 109 ? 14.839  2.294   10.608  1.00 0.00 ? 109 PHE A CA  1 
ATOM 833 C C   . PHE A 1 109 ? 15.584  2.258   11.921  1.00 0.00 ? 109 PHE A C   1 
ATOM 834 O O   . PHE A 1 109 ? 15.855  1.189   12.471  1.00 0.00 ? 109 PHE A O   1 
ATOM 835 C CB  . PHE A 1 109 ? 13.508  3.118   10.765  1.00 0.00 ? 109 PHE A CB  1 
ATOM 836 C CG  . PHE A 1 109 ? 12.439  2.440   11.609  1.00 0.00 ? 109 PHE A CG  1 
ATOM 837 C CD1 . PHE A 1 109 ? 12.598  2.303   13.003  1.00 0.00 ? 109 PHE A CD1 1 
ATOM 838 C CD2 . PHE A 1 109 ? 11.243  1.976   11.028  1.00 0.00 ? 109 PHE A CD2 1 
ATOM 839 C CE1 . PHE A 1 109 ? 11.637  1.653   13.785  1.00 0.00 ? 109 PHE A CE1 1 
ATOM 840 C CE2 . PHE A 1 109 ? 10.271  1.333   11.810  1.00 0.00 ? 109 PHE A CE2 1 
ATOM 841 C CZ  . PHE A 1 109 ? 10.479  1.159   13.181  1.00 0.00 ? 109 PHE A CZ  1 
ATOM 842 N N   . GLU A 1 110 ? 15.939  3.465   12.431  1.00 0.00 ? 110 GLU A N   1 
ATOM 843 C CA  . GLU A 1 110 ? 16.606  3.697   13.691  1.00 0.00 ? 110 GLU A CA  1 
ATOM 844 C C   . GLU A 1 110 ? 15.642  4.467   14.538  1.00 0.00 ? 110 GLU A C   1 
ATOM 845 O O   . GLU A 1 110 ? 14.638  4.976   14.044  1.00 0.00 ? 110 GLU A O   1 
ATOM 846 C CB  . GLU A 1 110 ? 17.942  4.468   13.578  1.00 0.00 ? 110 GLU A CB  1 
ATOM 847 C CG  . GLU A 1 110 ? 18.960  3.693   12.718  1.00 0.00 ? 110 GLU A CG  1 
ATOM 848 C CD  . GLU A 1 110 ? 20.360  4.311   12.756  1.00 0.00 ? 110 GLU A CD  1 
ATOM 849 O OE1 . GLU A 1 110 ? 20.560  5.345   13.447  1.00 0.00 ? 110 GLU A OE1 1 
ATOM 850 O OE2 . GLU A 1 110 ? 21.260  3.738   12.083  1.00 0.00 ? 110 GLU A OE2 1 
ATOM 851 N N   . VAL A 1 111 ? 15.902  4.491   15.868  1.00 0.00 ? 111 VAL A N   1 
ATOM 852 C CA  . VAL A 1 111 ? 15.069  5.140   16.852  1.00 0.00 ? 111 VAL A CA  1 
ATOM 853 C C   . VAL A 1 111 ? 15.963  6.179   17.500  1.00 0.00 ? 111 VAL A C   1 
ATOM 854 O O   . VAL A 1 111 ? 17.185  6.032   17.482  1.00 0.00 ? 111 VAL A O   1 
ATOM 855 C CB  . VAL A 1 111 ? 14.574  4.068   17.829  1.00 0.00 ? 111 VAL A CB  1 
ATOM 856 C CG1 . VAL A 1 111 ? 13.951  4.637   19.116  1.00 0.00 ? 111 VAL A CG1 1 
ATOM 857 C CG2 . VAL A 1 111 ? 13.568  3.167   17.077  1.00 0.00 ? 111 VAL A CG2 1 
ATOM 858 N N   . TYR A 1 112 ? 15.381  7.265   18.093  1.00 0.00 ? 112 TYR A N   1 
ATOM 859 C CA  . TYR A 1 112 ? 16.125  8.247   18.867  1.00 0.00 ? 112 TYR A CA  1 
ATOM 860 C C   . TYR A 1 112 ? 16.473  7.606   20.196  1.00 0.00 ? 112 TYR A C   1 
ATOM 861 O O   . TYR A 1 112 ? 15.571  7.021   20.792  1.00 0.00 ? 112 TYR A O   1 
ATOM 862 C CB  . TYR A 1 112 ? 15.311  9.520   19.231  1.00 0.00 ? 112 TYR A CB  1 
ATOM 863 C CG  . TYR A 1 112 ? 15.097  10.417  18.041  1.00 0.00 ? 112 TYR A CG  1 
ATOM 864 C CD1 . TYR A 1 112 ? 13.991  10.235  17.195  1.00 0.00 ? 112 TYR A CD1 1 
ATOM 865 C CD2 . TYR A 1 112 ? 15.975  11.488  17.788  1.00 0.00 ? 112 TYR A CD2 1 
ATOM 866 C CE1 . TYR A 1 112 ? 13.771  11.096  16.113  1.00 0.00 ? 112 TYR A CE1 1 
ATOM 867 C CE2 . TYR A 1 112 ? 15.754  12.355  16.710  1.00 0.00 ? 112 TYR A CE2 1 
ATOM 868 C CZ  . TYR A 1 112 ? 14.653  12.156  15.866  1.00 0.00 ? 112 TYR A CZ  1 
ATOM 869 O OH  . TYR A 1 112 ? 14.431  13.024  14.775  1.00 0.00 ? 112 TYR A OH  1 
ATOM 870 N N   . PRO A 1 113 ? 17.690  7.682   20.742  1.00 0.00 ? 113 PRO A N   1 
ATOM 871 C CA  . PRO A 1 113 ? 18.022  7.127   22.047  1.00 0.00 ? 113 PRO A CA  1 
ATOM 872 C C   . PRO A 1 113 ? 17.180  7.667   23.177  1.00 0.00 ? 113 PRO A C   1 
ATOM 873 O O   . PRO A 1 113 ? 16.910  8.866   23.196  1.00 0.00 ? 113 PRO A O   1 
ATOM 874 C CB  . PRO A 1 113 ? 19.497  7.487   22.252  1.00 0.00 ? 113 PRO A CB  1 
ATOM 875 C CG  . PRO A 1 113 ? 20.064  7.539   20.832  1.00 0.00 ? 113 PRO A CG  1 
ATOM 876 C CD  . PRO A 1 113 ? 18.893  8.108   20.024  1.00 0.00 ? 113 PRO A CD  1 
ATOM 877 N N   . GLU A 1 114 ? 16.779  6.782   24.117  1.00 0.00 ? 114 GLU A N   1 
ATOM 878 C CA  . GLU A 1 114 ? 16.069  7.142   25.317  1.00 0.00 ? 114 GLU A CA  1 
ATOM 879 C C   . GLU A 1 114 ? 16.735  6.360   26.414  1.00 0.00 ? 114 GLU A C   1 
ATOM 880 O O   . GLU A 1 114 ? 17.670  5.600   26.163  1.00 0.00 ? 114 GLU A O   1 
ATOM 881 C CB  . GLU A 1 114 ? 14.555  6.809   25.271  1.00 0.00 ? 114 GLU A CB  1 
ATOM 882 C CG  . GLU A 1 114 ? 13.790  7.674   24.251  1.00 0.00 ? 114 GLU A CG  1 
ATOM 883 C CD  . GLU A 1 114 ? 12.295  7.363   24.305  1.00 0.00 ? 114 GLU A CD  1 
ATOM 884 O OE1 . GLU A 1 114 ? 11.917  6.209   23.971  1.00 0.00 ? 114 GLU A OE1 1 
ATOM 885 O OE2 . GLU A 1 114 ? 11.511  8.277   24.679  1.00 0.00 ? 114 GLU A OE2 1 
ATOM 886 N N   . VAL A 1 115 ? 16.278  6.560   27.673  1.00 0.00 ? 115 VAL A N   1 
ATOM 887 C CA  . VAL A 1 115 ? 16.872  5.956   28.844  1.00 0.00 ? 115 VAL A CA  1 
ATOM 888 C C   . VAL A 1 115 ? 15.698  5.357   29.630  1.00 0.00 ? 115 VAL A C   1 
ATOM 889 O O   . VAL A 1 115 ? 14.798  6.134   30.051  1.00 0.00 ? 115 VAL A O   1 
ATOM 890 C CB  . VAL A 1 115 ? 17.622  6.954   29.724  1.00 0.00 ? 115 VAL A CB  1 
ATOM 891 C CG1 . VAL A 1 115 ? 18.280  6.222   30.913  1.00 0.00 ? 115 VAL A CG1 1 
ATOM 892 C CG2 . VAL A 1 115 ? 18.680  7.693   28.875  1.00 0.00 ? 115 VAL A CG2 1 
ATOM 893 O OXT . VAL A 1 115 ? 15.687  4.110   29.818  1.00 0.00 ? 115 VAL A OXT 1 
# 
